data_9JMD
#
_entry.id   9JMD
#
_cell.length_a   1.00
_cell.length_b   1.00
_cell.length_c   1.00
_cell.angle_alpha   90.00
_cell.angle_beta   90.00
_cell.angle_gamma   90.00
#
_symmetry.space_group_name_H-M   'P 1'
#
loop_
_entity.id
_entity.type
_entity.pdbx_description
1 polymer 'Guanine nucleotide-binding protein G(q) subunit alpha'
2 polymer 'Guanine nucleotide-binding protein G(I)/G(S)/G(T) subunit beta-1'
3 polymer ScFv16
4 polymer 'Guanine nucleotide-binding protein G(I)/G(S)/G(O) subunit gamma-2'
5 polymer 'Motilin receptor'
6 non-polymer CHOLESTEROL
7 non-polymer AZITHROMYCIN
8 water water
#
loop_
_entity_poly.entity_id
_entity_poly.type
_entity_poly.pdbx_seq_one_letter_code
_entity_poly.pdbx_strand_id
1 'polypeptide(L)'
;MGCTLSAEDKAAVERSKMIEKQLQKDKQVYRRTLRLLLLGADNSGKSTIVKQMRIYHVNGYSEEECKQYKAVVYSNTIQS
IIAIIRAMGRLKIDFGDSARADDARQLFVLAGAAEEGFMTAELAGVIKRLWKDSGVQACFNRSREYQLNDSAAYYLNDLD
RIAQPNYIPTQQDVLRTRVKTSGIFETKFQVDKVNFHMFDVGAQRDERRKWIQCFNDVTAIIFVVDSSDYNRLQEALNDF
KSIWNNRWLRTISVILFLNKQDLLAEKVLAGKSKIEDYFPEFARYTTPEDATPEPGEDPRVTRAKYFIRKEFVDISTASG
DGRHICYPHFTCSVDTENARRIFNDCKDIILQMNLREYNLV
;
A
2 'polypeptide(L)'
;MGSLLQSELDQLRQEAEQLKNQIRDARKACADATLSQITNNIDPVGRIQMRTRRTLRGHLAKIYAMHWGTDSRLLVSASQ
DGKLIIWDSYTTNKVHAIPLRSSWVMTCAYAPSGNYVACGGLDNICSIYNLKTREGNVRVSRELAGHTGYLSCCRFLDDN
QIVTSSGDTTCALWDIETGQQTTTFTGHTGDVMSLSLAPDTRLFVSGACDASAKLWDVREGMCRQTFTGHESDINAICFF
PNGNAFATGSDDATCRLFDLRADQELMTYSHDNIICGITSVSFSKSGRLLLAGYDDFNCNVWDALKADRAGVLAGHDNRV
SCLGVTDDGMAVATGSWDSFLKIWN
;
B
3 'polypeptide(L)'
;VQLVESGGGLVQPGGSRKLSCSASGFAFSSFGMHWVRQAPEKGLEWVAYISSGSGTIYYADTVKGRFTISRDDPKNTLFL
QMTSLRSEDTAMYYCVRSIYYYGSSPFDFWGQGTTLTVSAGGGGSGGGGSGGGGSADIVMTQATSSVPVTPGESVSISCR
SSKSLLHSNGNTYLYWFLQRPGQSPQLLIYRMSNLASGVPDRFSGSGSGTAFTLTISRLEAEDVGVYYCMQHLEYPLTFG
AGTKLEL
;
E
4 'polypeptide(L)' ASNNTASIAQARKLVEQLKMEANIDRIKVSKAAADLMAYCEAHAKEDPLLTPVPASENPFREKKFFCAIL G
5 'polypeptide(L)'
;MGSPWNGSDGPEGAREPPWPALPPCDERRCSPFPLGALVPVTAVCLCLFVVGVSGNVVTVMLIGRYRDMRTTTNLYLGSM
AVSDLLILLGLPFDLYRLWRSRPWVFGPLLCRLSLYVGEGCTYATLLHMTALSVERYLAICRPLRARVLVTRRRVRALIA
VLWAVALLSAGPFLFLVGVEQDPGISVVPGLNGTARIASSPLASSPPLWLSRAPPPSPPSGPETAEAAALFSRECRPSPA
QLGALRVMLWVTTAYFFLPFLCLSILYGLIGRELWSSRRPLRGPAASGRERGHRQTVRVLLVVVLAFIICWLPFHVGRII
YINTEDSRMMYFSQYFNIVALQLFYLSASINPILYNLISKKYRAAAFKLLLARKSRPRGFHRSRDTAGEVAGDTGGDTVG
YTETSANVKTMG
;
R
#
# COMPACT_ATOMS: atom_id res chain seq x y z
N CYS A 3 24.95 6.92 -9.17
CA CYS A 3 26.32 7.32 -8.97
C CYS A 3 27.16 6.16 -8.45
N THR A 4 26.97 5.81 -7.18
CA THR A 4 27.68 4.67 -6.59
C THR A 4 27.19 3.34 -7.15
N LEU A 5 25.99 3.30 -7.71
CA LEU A 5 25.41 2.04 -8.15
C LEU A 5 26.24 1.43 -9.28
N SER A 6 26.32 0.10 -9.28
CA SER A 6 27.04 -0.64 -10.30
C SER A 6 26.08 -1.02 -11.44
N ALA A 7 26.60 -1.72 -12.44
CA ALA A 7 25.81 -2.07 -13.62
C ALA A 7 24.61 -2.93 -13.24
N GLU A 8 24.86 -4.03 -12.53
CA GLU A 8 23.76 -4.93 -12.17
C GLU A 8 22.78 -4.26 -11.23
N ASP A 9 23.26 -3.38 -10.36
CA ASP A 9 22.35 -2.63 -9.49
C ASP A 9 21.44 -1.73 -10.33
N LYS A 10 21.99 -1.07 -11.35
CA LYS A 10 21.16 -0.25 -12.23
C LYS A 10 20.16 -1.09 -12.99
N ALA A 11 20.56 -2.29 -13.43
CA ALA A 11 19.61 -3.17 -14.12
C ALA A 11 18.48 -3.59 -13.19
N ALA A 12 18.81 -3.93 -11.94
CA ALA A 12 17.76 -4.26 -10.97
C ALA A 12 16.85 -3.07 -10.73
N VAL A 13 17.42 -1.86 -10.66
CA VAL A 13 16.62 -0.66 -10.48
C VAL A 13 15.67 -0.49 -11.66
N GLU A 14 16.15 -0.72 -12.88
CA GLU A 14 15.30 -0.61 -14.06
C GLU A 14 14.16 -1.64 -14.01
N ARG A 15 14.47 -2.86 -13.56
CA ARG A 15 13.43 -3.87 -13.40
C ARG A 15 12.40 -3.40 -12.37
N SER A 16 12.86 -2.77 -11.29
CA SER A 16 11.94 -2.22 -10.30
C SER A 16 11.05 -1.13 -10.90
N LYS A 17 11.63 -0.28 -11.75
CA LYS A 17 10.82 0.74 -12.42
C LYS A 17 9.76 0.11 -13.31
N MET A 18 10.14 -0.95 -14.03
CA MET A 18 9.16 -1.66 -14.86
C MET A 18 8.04 -2.23 -14.01
N ILE A 19 8.39 -2.83 -12.88
CA ILE A 19 7.37 -3.38 -11.99
C ILE A 19 6.46 -2.27 -11.46
N GLU A 20 7.05 -1.11 -11.16
CA GLU A 20 6.24 0.03 -10.70
C GLU A 20 5.30 0.51 -11.80
N LYS A 21 5.76 0.51 -13.04
CA LYS A 21 4.88 0.88 -14.16
C LYS A 21 3.72 -0.09 -14.27
N GLN A 22 4.00 -1.39 -14.16
CA GLN A 22 2.93 -2.38 -14.15
C GLN A 22 1.98 -2.16 -12.98
N LEU A 23 2.54 -1.78 -11.83
CA LEU A 23 1.71 -1.52 -10.65
C LEU A 23 0.78 -0.34 -10.88
N GLN A 24 1.28 0.71 -11.53
CA GLN A 24 0.42 1.85 -11.86
C GLN A 24 -0.66 1.45 -12.86
N LYS A 25 -0.29 0.63 -13.85
CA LYS A 25 -1.29 0.13 -14.79
C LYS A 25 -2.40 -0.61 -14.06
N ASP A 26 -2.02 -1.46 -13.10
CA ASP A 26 -3.02 -2.17 -12.31
C ASP A 26 -3.78 -1.22 -11.39
N LYS A 27 -3.13 -0.16 -10.93
CA LYS A 27 -3.78 0.81 -10.06
C LYS A 27 -4.94 1.49 -10.78
N GLN A 28 -4.73 1.85 -12.05
CA GLN A 28 -5.80 2.48 -12.81
C GLN A 28 -7.05 1.62 -12.80
N VAL A 29 -6.91 0.33 -13.15
CA VAL A 29 -8.05 -0.56 -13.19
C VAL A 29 -8.63 -0.76 -11.78
N TYR A 30 -7.76 -0.93 -10.78
CA TYR A 30 -8.23 -1.20 -9.43
C TYR A 30 -9.09 -0.05 -8.91
N ARG A 31 -8.64 1.18 -9.11
CA ARG A 31 -9.45 2.34 -8.72
C ARG A 31 -10.67 2.50 -9.62
N ARG A 32 -10.62 2.01 -10.86
CA ARG A 32 -11.80 2.10 -11.72
C ARG A 32 -12.86 1.09 -11.30
N THR A 33 -12.46 -0.13 -10.96
CA THR A 33 -13.40 -1.18 -10.62
C THR A 33 -14.16 -0.85 -9.35
N LEU A 34 -15.43 -1.23 -9.28
CA LEU A 34 -16.25 -1.06 -8.10
C LEU A 34 -16.51 -2.42 -7.45
N ARG A 35 -16.22 -2.52 -6.16
CA ARG A 35 -16.27 -3.77 -5.42
C ARG A 35 -17.57 -3.85 -4.61
N LEU A 36 -18.21 -5.02 -4.63
CA LEU A 36 -19.45 -5.26 -3.91
C LEU A 36 -19.37 -6.59 -3.18
N LEU A 37 -19.98 -6.65 -2.00
CA LEU A 37 -19.98 -7.86 -1.17
C LEU A 37 -21.40 -8.42 -1.14
N LEU A 38 -21.61 -9.58 -1.76
CA LEU A 38 -22.92 -10.20 -1.84
C LEU A 38 -23.10 -11.11 -0.63
N LEU A 39 -23.95 -10.69 0.31
CA LEU A 39 -24.28 -11.46 1.50
C LEU A 39 -25.75 -11.84 1.45
N GLY A 40 -26.06 -13.05 1.91
CA GLY A 40 -27.44 -13.50 1.93
C GLY A 40 -27.54 -14.85 2.59
N ALA A 41 -28.74 -15.15 3.08
CA ALA A 41 -29.00 -16.43 3.71
C ALA A 41 -29.05 -17.54 2.66
N ASP A 42 -28.93 -18.78 3.14
CA ASP A 42 -28.97 -19.92 2.23
C ASP A 42 -30.33 -19.99 1.52
N ASN A 43 -31.41 -19.77 2.25
CA ASN A 43 -32.73 -19.74 1.62
C ASN A 43 -32.89 -18.52 0.72
N SER A 44 -32.23 -17.42 1.04
CA SER A 44 -32.29 -16.23 0.20
C SER A 44 -31.75 -16.55 -1.18
N GLY A 45 -32.41 -15.99 -2.21
CA GLY A 45 -32.06 -16.29 -3.58
C GLY A 45 -30.86 -15.55 -4.10
N LYS A 46 -29.72 -15.64 -3.39
CA LYS A 46 -28.50 -15.04 -3.89
C LYS A 46 -27.99 -15.78 -5.13
N SER A 47 -28.16 -17.10 -5.17
CA SER A 47 -27.73 -17.88 -6.33
C SER A 47 -28.50 -17.45 -7.57
N THR A 48 -29.81 -17.19 -7.43
CA THR A 48 -30.60 -16.76 -8.58
C THR A 48 -30.10 -15.44 -9.13
N ILE A 49 -29.79 -14.49 -8.25
CA ILE A 49 -29.28 -13.20 -8.69
C ILE A 49 -27.92 -13.37 -9.36
N VAL A 50 -27.06 -14.21 -8.78
CA VAL A 50 -25.74 -14.44 -9.36
C VAL A 50 -25.86 -15.02 -10.76
N LYS A 51 -26.74 -16.00 -10.93
CA LYS A 51 -26.97 -16.56 -12.26
C LYS A 51 -27.53 -15.52 -13.21
N GLN A 52 -28.44 -14.67 -12.73
CA GLN A 52 -29.01 -13.64 -13.58
C GLN A 52 -27.96 -12.66 -14.08
N MET A 53 -27.01 -12.30 -13.22
CA MET A 53 -26.02 -11.29 -13.60
C MET A 53 -25.25 -11.69 -14.85
N ARG A 54 -24.65 -12.89 -14.83
CA ARG A 54 -23.69 -13.27 -15.86
C ARG A 54 -24.36 -13.72 -17.16
N ILE A 55 -25.69 -13.78 -17.20
CA ILE A 55 -26.42 -13.92 -18.45
C ILE A 55 -26.84 -12.55 -19.00
N TYR A 56 -26.39 -11.47 -18.37
CA TYR A 56 -26.67 -10.09 -18.78
C TYR A 56 -27.98 -9.94 -19.56
N THR A 181 -13.88 -27.25 -2.10
CA THR A 181 -13.65 -26.46 -0.91
C THR A 181 -13.26 -25.03 -1.27
N SER A 182 -13.71 -24.58 -2.44
CA SER A 182 -13.40 -23.22 -2.88
C SER A 182 -14.10 -22.20 -2.01
N GLY A 183 -13.50 -21.01 -1.90
CA GLY A 183 -14.01 -19.97 -1.04
C GLY A 183 -14.75 -18.87 -1.76
N ILE A 184 -14.09 -17.73 -1.95
CA ILE A 184 -14.76 -16.58 -2.55
C ILE A 184 -15.10 -16.89 -4.00
N PHE A 185 -16.35 -16.62 -4.37
CA PHE A 185 -16.83 -16.74 -5.74
C PHE A 185 -17.04 -15.33 -6.28
N GLU A 186 -16.28 -14.96 -7.31
CA GLU A 186 -16.43 -13.66 -7.91
C GLU A 186 -17.43 -13.70 -9.06
N THR A 187 -17.98 -12.52 -9.38
CA THR A 187 -18.88 -12.36 -10.51
C THR A 187 -18.69 -10.94 -11.01
N LYS A 188 -18.13 -10.79 -12.21
CA LYS A 188 -17.88 -9.48 -12.80
C LYS A 188 -18.97 -9.17 -13.81
N PHE A 189 -19.56 -7.99 -13.71
CA PHE A 189 -20.52 -7.54 -14.70
C PHE A 189 -20.25 -6.08 -15.01
N GLN A 190 -20.93 -5.56 -16.04
CA GLN A 190 -20.77 -4.19 -16.47
C GLN A 190 -22.12 -3.56 -16.71
N VAL A 191 -22.33 -2.37 -16.14
CA VAL A 191 -23.52 -1.57 -16.40
C VAL A 191 -23.06 -0.17 -16.78
N ASP A 192 -23.47 0.29 -17.96
CA ASP A 192 -23.09 1.61 -18.47
C ASP A 192 -21.57 1.78 -18.43
N LYS A 193 -20.86 0.73 -18.85
CA LYS A 193 -19.40 0.70 -18.93
C LYS A 193 -18.73 0.76 -17.57
N VAL A 194 -19.50 0.66 -16.48
CA VAL A 194 -18.94 0.59 -15.14
C VAL A 194 -18.77 -0.88 -14.78
N ASN A 195 -17.58 -1.25 -14.30
CA ASN A 195 -17.23 -2.62 -13.99
C ASN A 195 -17.47 -2.90 -12.51
N PHE A 196 -18.30 -3.90 -12.22
CA PHE A 196 -18.69 -4.26 -10.87
C PHE A 196 -18.18 -5.68 -10.61
N HIS A 197 -17.25 -5.80 -9.67
CA HIS A 197 -16.90 -7.11 -9.11
C HIS A 197 -17.83 -7.37 -7.94
N MET A 198 -18.40 -8.57 -7.87
CA MET A 198 -19.31 -8.97 -6.81
C MET A 198 -18.73 -10.23 -6.18
N PHE A 199 -18.46 -10.17 -4.87
CA PHE A 199 -17.77 -11.23 -4.17
C PHE A 199 -18.73 -11.94 -3.22
N ASP A 200 -18.83 -13.26 -3.35
CA ASP A 200 -19.72 -14.10 -2.57
C ASP A 200 -18.89 -15.02 -1.70
N VAL A 201 -19.29 -15.15 -0.45
CA VAL A 201 -18.56 -15.94 0.55
C VAL A 201 -19.39 -17.20 0.82
N GLY A 202 -18.94 -18.33 0.28
CA GLY A 202 -19.67 -19.58 0.41
C GLY A 202 -19.13 -20.53 1.45
N ALA A 203 -17.81 -20.77 1.44
CA ALA A 203 -17.21 -21.83 2.24
C ALA A 203 -16.68 -21.36 3.59
N GLN A 204 -16.71 -20.06 3.87
CA GLN A 204 -16.23 -19.57 5.15
C GLN A 204 -17.13 -20.08 6.28
N ARG A 205 -16.52 -20.33 7.44
CA ARG A 205 -17.26 -20.86 8.57
C ARG A 205 -18.41 -19.93 8.96
N ASP A 206 -19.33 -20.47 9.76
CA ASP A 206 -20.51 -19.70 10.16
C ASP A 206 -20.12 -18.40 10.85
N GLU A 207 -19.08 -18.44 11.68
CA GLU A 207 -18.62 -17.23 12.36
C GLU A 207 -18.21 -16.17 11.35
N ARG A 208 -18.64 -14.93 11.59
CA ARG A 208 -18.46 -13.85 10.64
C ARG A 208 -17.68 -12.66 11.20
N ARG A 209 -17.39 -12.64 12.50
CA ARG A 209 -16.78 -11.45 13.10
C ARG A 209 -15.38 -11.18 12.56
N LYS A 210 -14.66 -12.22 12.11
CA LYS A 210 -13.26 -12.04 11.76
C LYS A 210 -13.05 -11.72 10.29
N TRP A 211 -13.62 -12.51 9.38
CA TRP A 211 -13.33 -12.32 7.96
C TRP A 211 -14.12 -11.18 7.32
N ILE A 212 -15.02 -10.53 8.07
CA ILE A 212 -15.62 -9.30 7.58
C ILE A 212 -14.57 -8.19 7.45
N GLN A 213 -13.48 -8.28 8.21
CA GLN A 213 -12.47 -7.23 8.19
C GLN A 213 -11.88 -7.07 6.79
N CYS A 214 -11.60 -8.19 6.11
CA CYS A 214 -11.03 -8.12 4.77
C CYS A 214 -11.97 -7.50 3.76
N PHE A 215 -13.26 -7.38 4.09
CA PHE A 215 -14.26 -6.88 3.14
C PHE A 215 -14.64 -5.43 3.38
N ASN A 216 -13.99 -4.74 4.32
CA ASN A 216 -14.15 -3.30 4.37
C ASN A 216 -13.44 -2.67 3.17
N ASP A 217 -13.76 -1.41 2.89
CA ASP A 217 -13.31 -0.69 1.71
C ASP A 217 -14.10 -1.11 0.46
N VAL A 218 -15.21 -1.83 0.63
CA VAL A 218 -16.07 -2.21 -0.48
C VAL A 218 -17.09 -1.10 -0.70
N THR A 219 -17.47 -0.91 -1.97
CA THR A 219 -18.41 0.15 -2.29
C THR A 219 -19.77 -0.10 -1.65
N ALA A 220 -20.25 -1.34 -1.68
CA ALA A 220 -21.57 -1.64 -1.17
C ALA A 220 -21.64 -3.10 -0.72
N ILE A 221 -22.51 -3.35 0.25
CA ILE A 221 -22.82 -4.69 0.72
C ILE A 221 -24.24 -5.02 0.26
N ILE A 222 -24.36 -5.89 -0.73
CA ILE A 222 -25.65 -6.30 -1.25
C ILE A 222 -26.18 -7.40 -0.34
N PHE A 223 -27.09 -7.03 0.57
CA PHE A 223 -27.72 -8.00 1.46
C PHE A 223 -29.04 -8.45 0.85
N VAL A 224 -29.15 -9.75 0.60
CA VAL A 224 -30.34 -10.34 0.00
C VAL A 224 -31.11 -11.07 1.08
N VAL A 225 -32.40 -10.73 1.23
CA VAL A 225 -33.25 -11.26 2.29
C VAL A 225 -34.47 -11.91 1.66
N ASP A 226 -34.85 -13.07 2.20
CA ASP A 226 -36.03 -13.80 1.74
C ASP A 226 -37.27 -13.18 2.35
N SER A 227 -38.08 -12.52 1.53
CA SER A 227 -39.33 -11.94 1.99
C SER A 227 -40.47 -12.95 2.04
N SER A 228 -40.32 -14.12 1.40
CA SER A 228 -41.39 -15.09 1.37
C SER A 228 -41.56 -15.77 2.72
N ASP A 229 -40.46 -16.18 3.34
CA ASP A 229 -40.49 -16.94 4.59
C ASP A 229 -40.42 -15.98 5.77
N TYR A 230 -41.54 -15.85 6.48
CA TYR A 230 -41.58 -15.02 7.68
C TYR A 230 -41.03 -15.74 8.91
N ASN A 231 -40.92 -17.07 8.86
CA ASN A 231 -40.43 -17.81 10.01
C ASN A 231 -38.99 -17.44 10.33
N ARG A 232 -38.17 -17.26 9.30
CA ARG A 232 -36.75 -16.96 9.46
C ARG A 232 -36.44 -15.49 9.29
N LEU A 233 -37.45 -14.62 9.24
CA LEU A 233 -37.19 -13.20 9.05
C LEU A 233 -36.59 -12.56 10.28
N GLN A 234 -36.86 -13.10 11.47
CA GLN A 234 -36.24 -12.56 12.68
C GLN A 234 -34.73 -12.77 12.65
N GLU A 235 -34.29 -13.96 12.23
CA GLU A 235 -32.85 -14.20 12.09
C GLU A 235 -32.25 -13.31 11.01
N ALA A 236 -33.01 -13.05 9.93
CA ALA A 236 -32.54 -12.14 8.90
C ALA A 236 -32.36 -10.73 9.46
N LEU A 237 -33.30 -10.27 10.28
CA LEU A 237 -33.18 -8.95 10.91
C LEU A 237 -31.96 -8.91 11.83
N ASN A 238 -31.73 -9.98 12.60
CA ASN A 238 -30.56 -10.02 13.46
C ASN A 238 -29.27 -9.98 12.64
N ASP A 239 -29.23 -10.71 11.53
CA ASP A 239 -28.06 -10.70 10.65
C ASP A 239 -27.82 -9.30 10.08
N PHE A 240 -28.88 -8.64 9.60
CA PHE A 240 -28.74 -7.30 9.07
C PHE A 240 -28.26 -6.34 10.15
N LYS A 241 -28.75 -6.50 11.37
CA LYS A 241 -28.30 -5.68 12.49
C LYS A 241 -26.82 -5.90 12.77
N SER A 242 -26.38 -7.16 12.75
CA SER A 242 -24.97 -7.45 12.96
C SER A 242 -24.10 -6.79 11.91
N ILE A 243 -24.54 -6.85 10.65
CA ILE A 243 -23.78 -6.19 9.58
C ILE A 243 -23.78 -4.67 9.79
N TRP A 244 -24.94 -4.12 10.14
CA TRP A 244 -25.07 -2.67 10.27
C TRP A 244 -24.20 -2.12 11.40
N ASN A 245 -24.17 -2.79 12.54
CA ASN A 245 -23.49 -2.31 13.73
C ASN A 245 -22.09 -2.88 13.88
N ASN A 246 -21.50 -3.39 12.80
CA ASN A 246 -20.13 -3.87 12.87
C ASN A 246 -19.15 -2.72 12.97
N ARG A 247 -18.09 -2.92 13.75
CA ARG A 247 -17.09 -1.86 13.93
C ARG A 247 -16.40 -1.53 12.61
N TRP A 248 -16.10 -2.55 11.80
CA TRP A 248 -15.32 -2.37 10.59
C TRP A 248 -16.15 -1.98 9.38
N LEU A 249 -17.48 -2.11 9.43
CA LEU A 249 -18.36 -1.81 8.31
C LEU A 249 -19.27 -0.63 8.60
N ARG A 250 -18.91 0.23 9.56
CA ARG A 250 -19.75 1.37 9.89
C ARG A 250 -19.84 2.35 8.72
N THR A 251 -18.74 2.53 7.98
CA THR A 251 -18.72 3.50 6.88
C THR A 251 -19.43 2.96 5.64
N ILE A 252 -19.33 1.65 5.39
CA ILE A 252 -19.82 1.11 4.13
C ILE A 252 -21.34 1.07 4.13
N SER A 253 -21.92 1.25 2.94
CA SER A 253 -23.37 1.24 2.76
C SER A 253 -23.86 -0.16 2.39
N VAL A 254 -25.13 -0.40 2.67
CA VAL A 254 -25.77 -1.70 2.46
C VAL A 254 -26.98 -1.50 1.56
N ILE A 255 -27.06 -2.29 0.50
CA ILE A 255 -28.20 -2.31 -0.41
C ILE A 255 -29.02 -3.55 -0.09
N LEU A 256 -30.27 -3.35 0.34
CA LEU A 256 -31.12 -4.43 0.80
C LEU A 256 -32.08 -4.84 -0.31
N PHE A 257 -31.90 -6.06 -0.83
CA PHE A 257 -32.78 -6.62 -1.84
C PHE A 257 -33.68 -7.67 -1.19
N LEU A 258 -34.98 -7.42 -1.20
CA LEU A 258 -35.97 -8.34 -0.66
C LEU A 258 -36.45 -9.23 -1.81
N ASN A 259 -35.85 -10.40 -1.93
CA ASN A 259 -36.11 -11.26 -3.09
C ASN A 259 -37.39 -12.06 -2.89
N LYS A 260 -37.88 -12.62 -4.00
CA LYS A 260 -39.08 -13.46 -4.01
C LYS A 260 -40.32 -12.64 -3.63
N GLN A 261 -40.48 -11.50 -4.30
CA GLN A 261 -41.69 -10.70 -4.12
C GLN A 261 -42.92 -11.46 -4.61
N ASP A 262 -42.77 -12.24 -5.67
CA ASP A 262 -43.88 -13.03 -6.17
C ASP A 262 -44.35 -14.03 -5.12
N LEU A 263 -43.41 -14.70 -4.45
CA LEU A 263 -43.78 -15.61 -3.37
C LEU A 263 -44.46 -14.87 -2.24
N LEU A 264 -43.99 -13.66 -1.92
CA LEU A 264 -44.64 -12.84 -0.90
C LEU A 264 -46.09 -12.58 -1.27
N ALA A 265 -46.34 -12.19 -2.52
CA ALA A 265 -47.70 -11.91 -2.96
C ALA A 265 -48.55 -13.17 -2.91
N GLU A 266 -48.01 -14.30 -3.37
CA GLU A 266 -48.77 -15.54 -3.34
C GLU A 266 -49.15 -15.92 -1.91
N LYS A 267 -48.20 -15.82 -0.98
CA LYS A 267 -48.49 -16.16 0.40
C LYS A 267 -49.52 -15.22 1.00
N VAL A 268 -49.38 -13.91 0.75
CA VAL A 268 -50.27 -12.94 1.35
C VAL A 268 -51.68 -13.10 0.82
N LEU A 269 -51.83 -13.30 -0.50
CA LEU A 269 -53.14 -13.39 -1.12
C LEU A 269 -53.75 -14.78 -1.02
N ALA A 270 -52.97 -15.79 -0.62
CA ALA A 270 -53.54 -17.09 -0.27
C ALA A 270 -54.11 -17.10 1.14
N GLY A 271 -53.85 -16.05 1.93
CA GLY A 271 -54.46 -15.89 3.23
C GLY A 271 -54.42 -17.12 4.13
N LYS A 272 -53.32 -17.86 4.08
CA LYS A 272 -53.11 -19.01 4.93
C LYS A 272 -52.00 -18.80 5.96
N SER A 273 -50.94 -18.11 5.57
CA SER A 273 -49.87 -17.73 6.49
C SER A 273 -50.07 -16.28 6.89
N LYS A 274 -50.22 -16.03 8.18
CA LYS A 274 -50.45 -14.69 8.71
C LYS A 274 -49.15 -14.15 9.31
N ILE A 275 -48.80 -12.92 8.92
CA ILE A 275 -47.61 -12.29 9.47
C ILE A 275 -47.77 -12.03 10.95
N GLU A 276 -48.99 -11.70 11.38
CA GLU A 276 -49.23 -11.39 12.79
C GLU A 276 -48.78 -12.52 13.70
N ASP A 277 -48.87 -13.77 13.22
CA ASP A 277 -48.47 -14.90 14.04
C ASP A 277 -47.00 -14.78 14.44
N TYR A 278 -46.12 -14.52 13.46
CA TYR A 278 -44.70 -14.42 13.77
C TYR A 278 -44.35 -13.07 14.38
N PHE A 279 -44.84 -11.98 13.79
CA PHE A 279 -44.58 -10.63 14.26
C PHE A 279 -45.80 -10.07 14.96
N PRO A 280 -45.75 -9.75 16.25
CA PRO A 280 -46.95 -9.19 16.89
C PRO A 280 -47.35 -7.83 16.34
N GLU A 281 -46.41 -6.88 16.31
CA GLU A 281 -46.75 -5.50 15.99
C GLU A 281 -47.44 -5.36 14.65
N PHE A 282 -47.39 -6.37 13.78
CA PHE A 282 -48.06 -6.25 12.50
C PHE A 282 -49.55 -5.99 12.67
N ALA A 283 -50.14 -6.43 13.77
CA ALA A 283 -51.56 -6.16 13.98
C ALA A 283 -51.83 -4.66 14.08
N ARG A 284 -50.92 -3.92 14.73
CA ARG A 284 -51.10 -2.49 14.92
C ARG A 284 -50.61 -1.65 13.74
N TYR A 285 -49.67 -2.17 12.96
CA TYR A 285 -49.07 -1.37 11.90
C TYR A 285 -50.12 -0.97 10.85
N THR A 286 -49.99 0.24 10.33
CA THR A 286 -50.84 0.76 9.28
C THR A 286 -49.99 1.13 8.07
N THR A 287 -50.56 0.93 6.89
CA THR A 287 -49.82 1.22 5.67
C THR A 287 -49.49 2.71 5.60
N PRO A 288 -48.23 3.08 5.32
CA PRO A 288 -47.90 4.52 5.25
C PRO A 288 -48.49 5.14 4.00
N GLU A 289 -49.19 6.26 4.19
CA GLU A 289 -49.75 6.98 3.05
C GLU A 289 -48.66 7.56 2.16
N ASP A 290 -47.48 7.84 2.72
CA ASP A 290 -46.38 8.37 1.91
C ASP A 290 -45.95 7.37 0.86
N ALA A 291 -45.94 6.08 1.20
CA ALA A 291 -45.50 5.06 0.26
C ALA A 291 -46.42 5.04 -0.96
N THR A 292 -45.83 4.77 -2.13
CA THR A 292 -46.59 4.75 -3.37
C THR A 292 -46.88 3.30 -3.74
N PRO A 293 -48.14 2.86 -3.72
CA PRO A 293 -48.44 1.48 -4.10
C PRO A 293 -48.18 1.24 -5.58
N GLU A 294 -47.79 0.00 -5.90
CA GLU A 294 -47.52 -0.36 -7.27
C GLU A 294 -48.82 -0.71 -8.00
N PRO A 295 -48.86 -0.50 -9.32
CA PRO A 295 -50.08 -0.83 -10.08
C PRO A 295 -50.32 -2.34 -10.09
N GLY A 296 -51.59 -2.70 -10.14
CA GLY A 296 -51.95 -4.12 -10.17
C GLY A 296 -51.49 -4.88 -8.94
N GLU A 297 -51.51 -4.23 -7.79
CA GLU A 297 -51.09 -4.83 -6.54
C GLU A 297 -52.19 -4.67 -5.50
N ASP A 298 -52.56 -5.77 -4.85
CA ASP A 298 -53.59 -5.71 -3.82
C ASP A 298 -53.08 -4.94 -2.61
N PRO A 299 -53.98 -4.29 -1.86
CA PRO A 299 -53.53 -3.56 -0.67
C PRO A 299 -52.80 -4.42 0.34
N ARG A 300 -53.20 -5.69 0.48
CA ARG A 300 -52.54 -6.57 1.46
C ARG A 300 -51.08 -6.80 1.09
N VAL A 301 -50.80 -7.05 -0.18
CA VAL A 301 -49.41 -7.27 -0.60
C VAL A 301 -48.59 -6.02 -0.35
N THR A 302 -49.13 -4.85 -0.70
CA THR A 302 -48.43 -3.59 -0.45
C THR A 302 -48.15 -3.41 1.03
N ARG A 303 -49.15 -3.64 1.88
CA ARG A 303 -48.98 -3.48 3.31
C ARG A 303 -47.89 -4.42 3.85
N ALA A 304 -47.96 -5.69 3.46
CA ALA A 304 -46.99 -6.66 3.96
C ALA A 304 -45.58 -6.30 3.53
N LYS A 305 -45.41 -6.01 2.23
CA LYS A 305 -44.07 -5.70 1.74
C LYS A 305 -43.51 -4.43 2.40
N TYR A 306 -44.34 -3.39 2.53
CA TYR A 306 -43.83 -2.15 3.10
C TYR A 306 -43.58 -2.29 4.60
N PHE A 307 -44.35 -3.11 5.30
CA PHE A 307 -44.04 -3.37 6.70
C PHE A 307 -42.72 -4.13 6.84
N ILE A 308 -42.48 -5.11 5.96
CA ILE A 308 -41.22 -5.84 6.03
C ILE A 308 -40.06 -4.90 5.71
N ARG A 309 -40.26 -3.95 4.79
CA ARG A 309 -39.24 -2.95 4.51
C ARG A 309 -39.00 -2.07 5.73
N LYS A 310 -40.08 -1.56 6.34
CA LYS A 310 -39.95 -0.69 7.50
C LYS A 310 -39.27 -1.39 8.65
N GLU A 311 -39.45 -2.71 8.78
CA GLU A 311 -38.79 -3.44 9.85
C GLU A 311 -37.28 -3.29 9.76
N PHE A 312 -36.73 -3.39 8.55
CA PHE A 312 -35.29 -3.20 8.36
C PHE A 312 -34.90 -1.73 8.43
N VAL A 313 -35.76 -0.85 7.90
CA VAL A 313 -35.42 0.57 7.84
C VAL A 313 -35.34 1.17 9.23
N ASP A 314 -36.18 0.70 10.15
CA ASP A 314 -36.13 1.20 11.52
C ASP A 314 -34.79 0.90 12.17
N ILE A 315 -34.26 -0.30 11.94
CA ILE A 315 -32.96 -0.65 12.49
C ILE A 315 -31.86 0.13 11.78
N SER A 316 -31.97 0.28 10.47
CA SER A 316 -30.94 0.98 9.71
C SER A 316 -30.82 2.44 10.14
N THR A 317 -31.95 3.12 10.27
CA THR A 317 -31.92 4.55 10.61
C THR A 317 -31.34 4.77 12.00
N ALA A 318 -31.74 3.94 12.96
CA ALA A 318 -31.28 4.11 14.33
C ALA A 318 -29.82 3.68 14.46
N SER A 319 -29.01 4.54 15.09
CA SER A 319 -27.60 4.31 15.36
C SER A 319 -26.72 4.40 14.12
N GLY A 320 -27.30 4.68 12.95
CA GLY A 320 -26.50 4.78 11.75
C GLY A 320 -25.52 5.94 11.79
N ASP A 321 -25.98 7.09 12.30
CA ASP A 321 -25.22 8.33 12.44
C ASP A 321 -24.93 9.01 11.11
N GLY A 322 -25.44 8.48 9.99
CA GLY A 322 -25.34 9.14 8.70
C GLY A 322 -24.12 8.78 7.88
N ARG A 323 -23.17 8.03 8.43
CA ARG A 323 -21.98 7.65 7.70
C ARG A 323 -22.25 6.53 6.71
N HIS A 324 -23.31 5.74 6.92
CA HIS A 324 -23.73 4.72 5.99
C HIS A 324 -25.25 4.76 5.88
N ILE A 325 -25.75 4.45 4.68
CA ILE A 325 -27.17 4.53 4.37
C ILE A 325 -27.61 3.21 3.75
N CYS A 326 -28.89 2.89 3.95
CA CYS A 326 -29.49 1.69 3.38
C CYS A 326 -30.46 2.08 2.26
N TYR A 327 -30.52 1.25 1.24
CA TYR A 327 -31.37 1.47 0.07
C TYR A 327 -32.21 0.23 -0.19
N PRO A 328 -33.29 0.04 0.57
CA PRO A 328 -34.15 -1.12 0.35
C PRO A 328 -34.74 -1.11 -1.05
N HIS A 329 -34.86 -2.29 -1.65
CA HIS A 329 -35.48 -2.47 -2.96
C HIS A 329 -36.26 -3.76 -2.98
N PHE A 330 -37.41 -3.75 -3.64
CA PHE A 330 -38.26 -4.92 -3.79
C PHE A 330 -37.95 -5.58 -5.13
N THR A 331 -37.39 -6.77 -5.08
CA THR A 331 -36.97 -7.50 -6.27
C THR A 331 -37.64 -8.86 -6.32
N CYS A 332 -37.65 -9.46 -7.50
CA CYS A 332 -38.21 -10.77 -7.73
C CYS A 332 -37.11 -11.72 -8.23
N SER A 333 -37.50 -12.99 -8.42
CA SER A 333 -36.52 -14.04 -8.68
C SER A 333 -35.69 -13.73 -9.93
N VAL A 334 -36.34 -13.65 -11.09
CA VAL A 334 -35.64 -13.58 -12.36
C VAL A 334 -35.76 -12.16 -12.93
N ASP A 335 -35.90 -11.17 -12.05
CA ASP A 335 -35.98 -9.80 -12.49
C ASP A 335 -34.74 -9.40 -13.29
N THR A 336 -34.92 -8.47 -14.22
CA THR A 336 -33.84 -7.97 -15.06
C THR A 336 -33.35 -6.59 -14.64
N GLU A 337 -34.02 -5.94 -13.69
CA GLU A 337 -33.66 -4.61 -13.25
C GLU A 337 -32.71 -4.61 -12.05
N ASN A 338 -32.25 -5.78 -11.61
CA ASN A 338 -31.37 -5.85 -10.46
C ASN A 338 -30.07 -5.10 -10.71
N ALA A 339 -29.47 -5.27 -11.88
CA ALA A 339 -28.20 -4.62 -12.17
C ALA A 339 -28.33 -3.11 -12.22
N ARG A 340 -29.40 -2.60 -12.83
CA ARG A 340 -29.60 -1.16 -12.87
C ARG A 340 -29.94 -0.59 -11.49
N ARG A 341 -30.69 -1.34 -10.68
CA ARG A 341 -30.94 -0.91 -9.31
C ARG A 341 -29.63 -0.81 -8.54
N ILE A 342 -28.75 -1.81 -8.70
CA ILE A 342 -27.44 -1.78 -8.04
C ILE A 342 -26.63 -0.60 -8.54
N PHE A 343 -26.68 -0.35 -9.85
CA PHE A 343 -25.95 0.78 -10.42
C PHE A 343 -26.41 2.10 -9.82
N ASN A 344 -27.73 2.28 -9.70
CA ASN A 344 -28.26 3.51 -9.11
C ASN A 344 -27.86 3.64 -7.65
N ASP A 345 -27.91 2.54 -6.90
CA ASP A 345 -27.52 2.59 -5.49
C ASP A 345 -26.04 2.93 -5.35
N CYS A 346 -25.19 2.35 -6.19
CA CYS A 346 -23.77 2.67 -6.15
C CYS A 346 -23.53 4.13 -6.52
N LYS A 347 -24.28 4.63 -7.51
CA LYS A 347 -24.16 6.04 -7.89
C LYS A 347 -24.49 6.93 -6.70
N ASP A 348 -25.58 6.63 -5.99
CA ASP A 348 -25.95 7.42 -4.83
C ASP A 348 -24.88 7.35 -3.74
N ILE A 349 -24.36 6.15 -3.49
CA ILE A 349 -23.35 5.99 -2.44
C ILE A 349 -22.11 6.81 -2.77
N ILE A 350 -21.65 6.72 -4.03
CA ILE A 350 -20.46 7.46 -4.44
C ILE A 350 -20.73 8.96 -4.40
N LEU A 351 -21.96 9.38 -4.74
CA LEU A 351 -22.29 10.80 -4.67
C LEU A 351 -22.19 11.31 -3.25
N GLN A 352 -22.73 10.56 -2.29
CA GLN A 352 -22.59 10.97 -0.88
C GLN A 352 -21.14 10.98 -0.44
N MET A 353 -20.38 9.96 -0.84
CA MET A 353 -18.97 9.90 -0.47
C MET A 353 -18.22 11.12 -0.99
N ASN A 354 -18.48 11.50 -2.24
CA ASN A 354 -17.85 12.71 -2.80
C ASN A 354 -18.32 13.97 -2.07
N LEU A 355 -19.63 14.06 -1.79
CA LEU A 355 -20.14 15.23 -1.10
C LEU A 355 -19.45 15.42 0.24
N ARG A 356 -19.01 14.33 0.87
CA ARG A 356 -18.23 14.47 2.10
C ARG A 356 -16.77 14.78 1.80
N GLU A 357 -16.15 14.03 0.90
CA GLU A 357 -14.73 14.18 0.62
C GLU A 357 -14.40 15.48 -0.11
N TYR A 358 -15.41 16.21 -0.60
CA TYR A 358 -15.20 17.47 -1.30
C TYR A 358 -15.79 18.66 -0.55
N ASN A 359 -16.01 18.50 0.76
CA ASN A 359 -16.44 19.60 1.62
C ASN A 359 -17.71 20.28 1.09
N LEU A 360 -18.65 19.45 0.61
CA LEU A 360 -19.91 19.96 0.10
C LEU A 360 -21.06 19.83 1.09
N VAL A 361 -21.03 18.82 1.94
CA VAL A 361 -22.08 18.61 2.93
C VAL A 361 -22.12 19.78 3.91
N GLU B 8 -22.92 -42.26 31.51
CA GLU B 8 -21.56 -42.30 30.91
C GLU B 8 -21.10 -40.90 30.50
N LEU B 9 -21.98 -40.18 29.80
CA LEU B 9 -21.65 -38.82 29.37
C LEU B 9 -21.44 -37.91 30.57
N ASP B 10 -22.30 -38.02 31.58
CA ASP B 10 -22.12 -37.22 32.79
C ASP B 10 -20.83 -37.59 33.50
N GLN B 11 -20.49 -38.89 33.52
CA GLN B 11 -19.22 -39.30 34.09
C GLN B 11 -18.06 -38.68 33.33
N LEU B 12 -18.15 -38.65 32.00
CA LEU B 12 -17.09 -38.04 31.21
C LEU B 12 -16.94 -36.56 31.53
N ARG B 13 -18.06 -35.84 31.63
CA ARG B 13 -17.98 -34.41 31.93
C ARG B 13 -17.39 -34.18 33.33
N GLN B 14 -17.82 -34.97 34.32
CA GLN B 14 -17.30 -34.80 35.66
C GLN B 14 -15.81 -35.14 35.72
N GLU B 15 -15.38 -36.17 35.00
CA GLU B 15 -13.96 -36.51 34.95
C GLU B 15 -13.16 -35.41 34.28
N ALA B 16 -13.70 -34.81 33.22
CA ALA B 16 -13.02 -33.70 32.58
C ALA B 16 -12.89 -32.51 33.54
N GLU B 17 -13.95 -32.23 34.30
CA GLU B 17 -13.88 -31.15 35.28
C GLU B 17 -12.83 -31.46 36.35
N GLN B 18 -12.77 -32.72 36.80
CA GLN B 18 -11.77 -33.10 37.79
C GLN B 18 -10.36 -32.95 37.23
N LEU B 19 -10.15 -33.33 35.97
CA LEU B 19 -8.84 -33.18 35.36
C LEU B 19 -8.46 -31.71 35.23
N LYS B 20 -9.43 -30.86 34.86
CA LYS B 20 -9.16 -29.43 34.79
C LYS B 20 -8.78 -28.88 36.16
N ASN B 21 -9.48 -29.33 37.21
CA ASN B 21 -9.15 -28.90 38.57
C ASN B 21 -7.75 -29.36 38.94
N GLN B 22 -7.38 -30.59 38.58
CA GLN B 22 -6.04 -31.09 38.88
C GLN B 22 -4.98 -30.26 38.16
N ILE B 23 -5.21 -29.94 36.90
CA ILE B 23 -4.25 -29.14 36.15
C ILE B 23 -4.13 -27.75 36.76
N ARG B 24 -5.24 -27.15 37.15
CA ARG B 24 -5.22 -25.84 37.78
C ARG B 24 -4.45 -25.88 39.10
N ASP B 25 -4.67 -26.93 39.90
CA ASP B 25 -3.94 -27.07 41.16
C ASP B 25 -2.45 -27.22 40.91
N ALA B 26 -2.06 -28.02 39.92
CA ALA B 26 -0.65 -28.16 39.59
C ALA B 26 -0.05 -26.83 39.16
N ARG B 27 -0.77 -26.08 38.32
CA ARG B 27 -0.27 -24.78 37.87
C ARG B 27 -0.11 -23.82 39.03
N LYS B 28 -1.07 -23.79 39.94
CA LYS B 28 -0.97 -22.90 41.10
C LYS B 28 0.19 -23.31 42.00
N ALA B 29 0.41 -24.62 42.15
CA ALA B 29 1.53 -25.09 42.96
C ALA B 29 2.87 -24.70 42.33
N CYS B 30 2.98 -24.79 41.01
CA CYS B 30 4.24 -24.48 40.36
C CYS B 30 4.64 -23.03 40.53
N ALA B 31 3.67 -22.13 40.72
CA ALA B 31 3.93 -20.70 40.82
C ALA B 31 4.48 -20.39 42.21
N ASP B 32 5.80 -20.47 42.35
CA ASP B 32 6.47 -20.13 43.59
C ASP B 32 6.92 -18.68 43.64
N ALA B 33 7.32 -18.12 42.50
CA ALA B 33 7.77 -16.74 42.42
C ALA B 33 7.26 -16.13 41.12
N THR B 34 7.24 -14.80 41.09
CA THR B 34 6.76 -14.04 39.95
C THR B 34 7.91 -13.30 39.29
N LEU B 35 7.85 -13.19 37.97
CA LEU B 35 8.94 -12.58 37.22
C LEU B 35 9.14 -11.12 37.64
N SER B 36 8.04 -10.40 37.86
CA SER B 36 8.16 -9.01 38.33
C SER B 36 9.02 -8.93 39.58
N GLN B 37 8.75 -9.77 40.57
CA GLN B 37 9.57 -9.81 41.77
C GLN B 37 10.99 -10.27 41.46
N ILE B 38 11.13 -11.27 40.59
CA ILE B 38 12.44 -11.83 40.30
C ILE B 38 13.31 -10.82 39.57
N THR B 39 12.74 -10.09 38.61
CA THR B 39 13.49 -9.17 37.77
C THR B 39 13.36 -7.72 38.23
N ASN B 40 12.98 -7.48 39.48
CA ASN B 40 12.87 -6.12 39.97
C ASN B 40 14.22 -5.41 39.95
N ASN B 41 15.29 -6.11 40.34
CA ASN B 41 16.61 -5.49 40.40
C ASN B 41 17.22 -5.29 39.02
N ILE B 42 16.68 -5.93 37.99
CA ILE B 42 17.25 -5.78 36.65
C ILE B 42 17.15 -4.33 36.20
N ASP B 43 18.20 -3.86 35.54
CA ASP B 43 18.27 -2.45 35.16
C ASP B 43 17.18 -2.12 34.15
N PRO B 44 16.61 -0.91 34.21
CA PRO B 44 15.62 -0.53 33.20
C PRO B 44 16.22 -0.54 31.80
N VAL B 45 15.37 -0.89 30.83
CA VAL B 45 15.81 -0.97 29.44
C VAL B 45 16.09 0.41 28.85
N GLY B 46 15.57 1.47 29.46
CA GLY B 46 15.72 2.80 28.90
C GLY B 46 14.67 3.10 27.85
N ARG B 47 14.87 4.25 27.20
CA ARG B 47 13.94 4.72 26.16
C ARG B 47 14.41 4.18 24.82
N ILE B 48 13.76 3.12 24.34
CA ILE B 48 14.09 2.50 23.06
C ILE B 48 13.33 3.25 21.98
N GLN B 49 14.00 4.21 21.35
CA GLN B 49 13.42 5.01 20.29
C GLN B 49 13.89 4.51 18.93
N MET B 50 12.97 4.47 17.97
CA MET B 50 13.24 3.93 16.64
C MET B 50 12.83 4.97 15.59
N ARG B 51 13.44 4.84 14.42
CA ARG B 51 13.20 5.74 13.31
C ARG B 51 12.87 4.96 12.06
N THR B 52 12.07 5.56 11.18
CA THR B 52 11.69 4.94 9.91
C THR B 52 12.87 5.06 8.95
N ARG B 53 13.69 4.01 8.87
CA ARG B 53 14.85 4.05 7.99
C ARG B 53 14.42 4.03 6.53
N ARG B 54 13.50 3.13 6.17
CA ARG B 54 13.04 3.00 4.80
C ARG B 54 11.52 2.88 4.79
N THR B 55 10.92 3.40 3.72
CA THR B 55 9.48 3.26 3.47
C THR B 55 9.30 2.60 2.11
N LEU B 56 8.63 1.45 2.11
CA LEU B 56 8.43 0.67 0.90
C LEU B 56 7.03 0.93 0.36
N ARG B 57 6.97 1.47 -0.86
CA ARG B 57 5.71 1.86 -1.47
C ARG B 57 5.56 1.18 -2.83
N GLY B 58 4.31 1.05 -3.26
CA GLY B 58 4.01 0.39 -4.52
C GLY B 58 2.74 -0.43 -4.44
N HIS B 59 2.38 -0.88 -3.24
CA HIS B 59 1.13 -1.60 -3.05
C HIS B 59 -0.06 -0.68 -3.29
N LEU B 60 -1.16 -1.27 -3.76
CA LEU B 60 -2.35 -0.51 -4.09
C LEU B 60 -3.43 -0.56 -3.02
N ALA B 61 -3.36 -1.51 -2.10
CA ALA B 61 -4.39 -1.71 -1.11
C ALA B 61 -3.73 -2.03 0.23
N LYS B 62 -4.52 -2.52 1.18
CA LYS B 62 -4.06 -2.74 2.54
C LYS B 62 -3.10 -3.92 2.58
N ILE B 63 -1.87 -3.68 3.03
CA ILE B 63 -0.93 -4.76 3.27
C ILE B 63 -1.44 -5.64 4.40
N TYR B 64 -1.40 -6.96 4.21
CA TYR B 64 -2.01 -7.89 5.15
C TYR B 64 -1.06 -8.92 5.72
N ALA B 65 0.06 -9.22 5.06
CA ALA B 65 0.99 -10.25 5.53
C ALA B 65 2.41 -9.85 5.17
N MET B 66 3.35 -10.38 5.95
CA MET B 66 4.77 -10.18 5.67
C MET B 66 5.55 -11.34 6.29
N HIS B 67 6.77 -11.53 5.80
CA HIS B 67 7.64 -12.56 6.35
C HIS B 67 9.08 -12.38 5.88
N TRP B 68 10.02 -12.37 6.82
CA TRP B 68 11.43 -12.31 6.48
C TRP B 68 11.94 -13.68 6.05
N GLY B 69 12.94 -13.67 5.17
CA GLY B 69 13.63 -14.88 4.78
C GLY B 69 14.76 -15.22 5.74
N THR B 70 15.48 -16.29 5.40
CA THR B 70 16.65 -16.65 6.20
C THR B 70 17.67 -15.51 6.20
N ASP B 71 17.93 -14.93 5.04
CA ASP B 71 18.72 -13.71 4.96
C ASP B 71 17.84 -12.52 5.32
N SER B 72 18.49 -11.46 5.83
CA SER B 72 17.79 -10.28 6.31
C SER B 72 17.75 -9.16 5.27
N ARG B 73 17.67 -9.51 3.99
CA ARG B 73 17.64 -8.53 2.92
C ARG B 73 16.37 -8.57 2.08
N LEU B 74 15.55 -9.61 2.18
CA LEU B 74 14.38 -9.78 1.33
C LEU B 74 13.13 -9.87 2.19
N LEU B 75 12.08 -9.14 1.76
CA LEU B 75 10.76 -9.22 2.35
C LEU B 75 9.78 -9.69 1.30
N VAL B 76 8.73 -10.38 1.74
CA VAL B 76 7.60 -10.75 0.88
C VAL B 76 6.34 -10.20 1.54
N SER B 77 5.66 -9.30 0.85
CA SER B 77 4.46 -8.66 1.36
C SER B 77 3.27 -8.99 0.46
N ALA B 78 2.10 -9.09 1.07
CA ALA B 78 0.87 -9.47 0.37
C ALA B 78 -0.15 -8.35 0.52
N SER B 79 -0.87 -8.06 -0.56
CA SER B 79 -1.89 -7.01 -0.55
C SER B 79 -3.21 -7.55 -1.05
N GLN B 80 -4.30 -6.97 -0.54
CA GLN B 80 -5.64 -7.39 -0.93
C GLN B 80 -5.93 -7.11 -2.40
N ASP B 81 -5.13 -6.25 -3.04
CA ASP B 81 -5.31 -6.02 -4.47
C ASP B 81 -4.98 -7.25 -5.28
N GLY B 82 -4.34 -8.25 -4.68
CA GLY B 82 -4.01 -9.49 -5.34
C GLY B 82 -2.57 -9.63 -5.77
N LYS B 83 -1.62 -9.08 -5.01
CA LYS B 83 -0.22 -9.10 -5.40
C LYS B 83 0.66 -9.49 -4.21
N LEU B 84 1.65 -10.33 -4.51
CA LEU B 84 2.78 -10.58 -3.64
C LEU B 84 3.99 -9.83 -4.20
N ILE B 85 4.52 -8.88 -3.43
CA ILE B 85 5.68 -8.11 -3.85
C ILE B 85 6.85 -8.47 -2.96
N ILE B 86 7.97 -8.84 -3.58
CA ILE B 86 9.20 -9.15 -2.87
C ILE B 86 10.12 -7.93 -2.98
N TRP B 87 10.50 -7.38 -1.84
CA TRP B 87 11.28 -6.15 -1.77
C TRP B 87 12.67 -6.44 -1.22
N ASP B 88 13.67 -5.76 -1.79
CA ASP B 88 15.02 -5.76 -1.27
C ASP B 88 15.12 -4.61 -0.26
N SER B 89 15.21 -4.95 1.02
CA SER B 89 15.15 -3.93 2.07
C SER B 89 16.33 -2.96 1.95
N TYR B 90 17.52 -3.48 1.66
CA TYR B 90 18.71 -2.63 1.65
C TYR B 90 18.62 -1.55 0.57
N THR B 91 17.95 -1.85 -0.54
CA THR B 91 17.82 -0.90 -1.65
C THR B 91 16.38 -0.59 -2.02
N THR B 92 15.40 -1.23 -1.38
CA THR B 92 13.98 -0.99 -1.66
C THR B 92 13.68 -1.17 -3.14
N ASN B 93 13.91 -2.39 -3.62
CA ASN B 93 13.69 -2.75 -5.01
C ASN B 93 12.74 -3.94 -5.09
N LYS B 94 11.76 -3.85 -5.98
CA LYS B 94 10.76 -4.91 -6.15
C LYS B 94 11.38 -6.02 -6.99
N VAL B 95 11.92 -7.05 -6.33
CA VAL B 95 12.54 -8.14 -7.05
C VAL B 95 11.51 -8.94 -7.83
N HIS B 96 10.37 -9.23 -7.20
CA HIS B 96 9.31 -10.02 -7.83
C HIS B 96 7.96 -9.38 -7.55
N ALA B 97 7.07 -9.45 -8.55
CA ALA B 97 5.69 -8.97 -8.45
C ALA B 97 4.80 -10.08 -8.98
N ILE B 98 4.30 -10.91 -8.07
CA ILE B 98 3.54 -12.11 -8.42
C ILE B 98 2.06 -11.78 -8.31
N PRO B 99 1.30 -11.84 -9.40
CA PRO B 99 -0.15 -11.69 -9.28
C PRO B 99 -0.77 -12.92 -8.63
N LEU B 100 -1.94 -12.70 -8.01
CA LEU B 100 -2.64 -13.75 -7.30
C LEU B 100 -4.03 -13.92 -7.91
N ARG B 101 -4.45 -15.18 -8.08
CA ARG B 101 -5.77 -15.46 -8.63
C ARG B 101 -6.86 -14.92 -7.73
N SER B 102 -6.70 -15.06 -6.41
CA SER B 102 -7.63 -14.54 -5.43
C SER B 102 -7.11 -13.21 -4.90
N SER B 103 -7.91 -12.16 -5.05
CA SER B 103 -7.48 -10.83 -4.60
C SER B 103 -7.27 -10.81 -3.09
N TRP B 104 -8.15 -11.46 -2.34
CA TRP B 104 -8.09 -11.44 -0.88
C TRP B 104 -6.96 -12.34 -0.41
N VAL B 105 -5.89 -11.73 0.09
CA VAL B 105 -4.74 -12.45 0.63
C VAL B 105 -4.57 -12.04 2.09
N MET B 106 -4.39 -13.03 2.97
CA MET B 106 -4.26 -12.77 4.39
C MET B 106 -2.99 -13.35 5.00
N THR B 107 -2.22 -14.13 4.26
CA THR B 107 -0.99 -14.72 4.80
C THR B 107 0.03 -14.89 3.69
N CYS B 108 1.29 -14.68 4.03
CA CYS B 108 2.40 -14.90 3.11
C CYS B 108 3.55 -15.55 3.87
N ALA B 109 4.35 -16.33 3.15
CA ALA B 109 5.47 -17.04 3.75
C ALA B 109 6.66 -17.00 2.81
N TYR B 110 7.85 -17.11 3.39
CA TYR B 110 9.10 -17.18 2.66
C TYR B 110 9.88 -18.40 3.15
N ALA B 111 10.23 -19.30 2.24
CA ALA B 111 10.92 -20.50 2.63
C ALA B 111 12.30 -20.16 3.19
N PRO B 112 12.79 -20.92 4.18
CA PRO B 112 14.12 -20.60 4.72
C PRO B 112 15.22 -20.66 3.67
N SER B 113 15.12 -21.59 2.72
CA SER B 113 16.08 -21.62 1.62
C SER B 113 15.83 -20.48 0.63
N GLY B 114 14.60 -19.97 0.57
CA GLY B 114 14.26 -18.89 -0.33
C GLY B 114 13.81 -19.31 -1.71
N ASN B 115 13.53 -20.59 -1.92
CA ASN B 115 13.14 -21.09 -3.24
C ASN B 115 11.64 -21.09 -3.47
N TYR B 116 10.83 -20.77 -2.46
CA TYR B 116 9.39 -20.82 -2.60
C TYR B 116 8.75 -19.72 -1.75
N VAL B 117 7.57 -19.29 -2.17
CA VAL B 117 6.78 -18.32 -1.41
C VAL B 117 5.32 -18.77 -1.38
N ALA B 118 4.70 -18.72 -0.21
CA ALA B 118 3.34 -19.20 -0.04
C ALA B 118 2.38 -18.03 0.09
N CYS B 119 1.12 -18.29 -0.23
CA CYS B 119 0.09 -17.25 -0.25
C CYS B 119 -1.27 -17.89 0.00
N GLY B 120 -2.01 -17.37 0.98
CA GLY B 120 -3.33 -17.89 1.27
C GLY B 120 -4.33 -16.85 1.69
N GLY B 121 -5.56 -17.26 1.95
CA GLY B 121 -6.61 -16.34 2.34
C GLY B 121 -7.99 -16.96 2.30
N LEU B 122 -8.99 -16.17 1.89
CA LEU B 122 -10.36 -16.66 1.83
C LEU B 122 -10.57 -17.70 0.73
N ASP B 123 -9.63 -17.85 -0.20
CA ASP B 123 -9.77 -18.81 -1.28
C ASP B 123 -9.71 -20.25 -0.80
N ASN B 124 -9.31 -20.50 0.44
CA ASN B 124 -9.19 -21.83 1.03
C ASN B 124 -8.12 -22.68 0.34
N ILE B 125 -7.26 -22.07 -0.46
CA ILE B 125 -6.20 -22.78 -1.18
C ILE B 125 -4.88 -22.09 -0.87
N CYS B 126 -3.88 -22.88 -0.48
CA CYS B 126 -2.54 -22.37 -0.25
C CYS B 126 -1.75 -22.48 -1.55
N SER B 127 -1.34 -21.34 -2.09
CA SER B 127 -0.61 -21.28 -3.35
C SER B 127 0.88 -21.14 -3.05
N ILE B 128 1.66 -22.12 -3.50
CA ILE B 128 3.12 -22.12 -3.35
C ILE B 128 3.72 -21.80 -4.71
N TYR B 129 4.48 -20.71 -4.78
CA TYR B 129 5.06 -20.19 -6.01
C TYR B 129 6.57 -20.43 -5.99
N ASN B 130 7.12 -20.75 -7.16
CA ASN B 130 8.53 -21.03 -7.34
C ASN B 130 9.21 -19.84 -7.99
N LEU B 131 10.27 -19.33 -7.35
CA LEU B 131 11.02 -18.19 -7.86
C LEU B 131 12.29 -18.58 -8.60
N LYS B 132 12.70 -19.84 -8.53
CA LYS B 132 13.92 -20.31 -9.19
C LYS B 132 13.62 -21.04 -10.50
N THR B 133 12.54 -20.68 -11.17
CA THR B 133 12.17 -21.35 -12.41
C THR B 133 13.20 -21.07 -13.51
N ARG B 134 13.46 -22.08 -14.33
CA ARG B 134 14.34 -21.89 -15.47
C ARG B 134 13.77 -20.86 -16.44
N GLU B 135 12.44 -20.85 -16.59
CA GLU B 135 11.80 -19.91 -17.51
C GLU B 135 11.89 -18.47 -17.01
N GLY B 136 12.22 -18.27 -15.74
CA GLY B 136 12.43 -16.94 -15.20
C GLY B 136 11.17 -16.21 -14.77
N ASN B 137 10.01 -16.81 -14.94
CA ASN B 137 8.74 -16.20 -14.53
C ASN B 137 8.18 -16.99 -13.35
N VAL B 138 7.75 -16.27 -12.31
CA VAL B 138 7.18 -16.93 -11.14
C VAL B 138 5.91 -17.65 -11.55
N ARG B 139 5.78 -18.90 -11.11
CA ARG B 139 4.64 -19.73 -11.45
C ARG B 139 4.03 -20.30 -10.17
N VAL B 140 2.76 -20.71 -10.28
CA VAL B 140 2.07 -21.34 -9.17
C VAL B 140 2.49 -22.80 -9.13
N SER B 141 3.56 -23.09 -8.38
CA SER B 141 4.09 -24.45 -8.36
C SER B 141 3.05 -25.42 -7.82
N ARG B 142 2.35 -25.05 -6.75
CA ARG B 142 1.33 -25.91 -6.17
C ARG B 142 0.17 -25.07 -5.69
N GLU B 143 -1.03 -25.68 -5.71
CA GLU B 143 -2.24 -25.08 -5.17
C GLU B 143 -2.89 -26.14 -4.28
N LEU B 144 -2.56 -26.11 -2.99
CA LEU B 144 -3.02 -27.11 -2.04
C LEU B 144 -4.41 -26.73 -1.53
N ALA B 145 -5.39 -27.59 -1.78
CA ALA B 145 -6.76 -27.38 -1.34
C ALA B 145 -7.16 -28.50 -0.39
N GLY B 146 -8.30 -28.30 0.27
CA GLY B 146 -8.81 -29.26 1.23
C GLY B 146 -9.35 -28.60 2.47
N HIS B 147 -8.76 -27.48 2.85
CA HIS B 147 -9.26 -26.71 3.99
C HIS B 147 -10.62 -26.12 3.65
N THR B 148 -11.57 -26.24 4.57
CA THR B 148 -12.91 -25.71 4.40
C THR B 148 -13.07 -24.34 5.06
N GLY B 149 -11.96 -23.64 5.31
CA GLY B 149 -12.00 -22.31 5.89
C GLY B 149 -10.81 -21.50 5.44
N TYR B 150 -10.94 -20.19 5.60
CA TYR B 150 -9.90 -19.28 5.14
C TYR B 150 -8.59 -19.56 5.88
N LEU B 151 -7.48 -19.40 5.15
CA LEU B 151 -6.15 -19.61 5.71
C LEU B 151 -5.68 -18.33 6.37
N SER B 152 -5.34 -18.41 7.66
CA SER B 152 -4.88 -17.25 8.42
C SER B 152 -3.37 -17.12 8.47
N CYS B 153 -2.64 -18.24 8.48
CA CYS B 153 -1.18 -18.19 8.54
C CYS B 153 -0.61 -19.44 7.87
N CYS B 154 0.62 -19.31 7.39
CA CYS B 154 1.33 -20.42 6.77
C CYS B 154 2.82 -20.17 6.92
N ARG B 155 3.56 -21.19 7.33
CA ARG B 155 4.99 -21.07 7.56
C ARG B 155 5.70 -22.29 6.98
N PHE B 156 6.92 -22.07 6.50
CA PHE B 156 7.71 -23.11 5.86
C PHE B 156 8.60 -23.80 6.89
N LEU B 157 8.43 -25.11 7.05
CA LEU B 157 9.40 -25.90 7.81
C LEU B 157 10.60 -26.24 6.93
N ASP B 158 10.33 -26.75 5.72
CA ASP B 158 11.34 -26.97 4.72
C ASP B 158 10.69 -26.79 3.35
N ASP B 159 11.46 -27.03 2.29
CA ASP B 159 10.93 -26.84 0.94
C ASP B 159 9.76 -27.77 0.65
N ASN B 160 9.72 -28.94 1.28
CA ASN B 160 8.70 -29.94 1.00
C ASN B 160 7.50 -29.82 1.93
N GLN B 161 7.73 -29.53 3.21
CA GLN B 161 6.67 -29.52 4.22
C GLN B 161 6.31 -28.08 4.57
N ILE B 162 5.00 -27.79 4.57
CA ILE B 162 4.50 -26.47 4.93
C ILE B 162 3.31 -26.65 5.86
N VAL B 163 3.28 -25.88 6.95
CA VAL B 163 2.20 -25.95 7.93
C VAL B 163 1.27 -24.75 7.71
N THR B 164 -0.04 -25.01 7.69
CA THR B 164 -1.03 -23.98 7.46
C THR B 164 -2.10 -24.06 8.54
N SER B 165 -2.72 -22.92 8.85
CA SER B 165 -3.84 -22.83 9.76
C SER B 165 -5.02 -22.23 9.03
N SER B 166 -6.18 -22.87 9.14
CA SER B 166 -7.37 -22.43 8.43
C SER B 166 -8.43 -21.92 9.39
N GLY B 167 -9.46 -21.29 8.82
CA GLY B 167 -10.57 -20.80 9.61
C GLY B 167 -11.56 -21.85 10.05
N ASP B 168 -11.37 -23.10 9.60
CA ASP B 168 -12.20 -24.21 10.03
C ASP B 168 -11.79 -24.78 11.39
N THR B 169 -10.98 -24.04 12.15
CA THR B 169 -10.54 -24.45 13.48
C THR B 169 -9.56 -25.61 13.41
N THR B 170 -8.73 -25.67 12.37
CA THR B 170 -7.77 -26.76 12.21
C THR B 170 -6.50 -26.23 11.57
N CYS B 171 -5.45 -27.05 11.67
CA CYS B 171 -4.19 -26.82 10.99
C CYS B 171 -3.81 -28.09 10.24
N ALA B 172 -2.99 -27.93 9.21
CA ALA B 172 -2.60 -29.04 8.36
C ALA B 172 -1.14 -28.96 7.98
N LEU B 173 -0.47 -30.10 8.00
CA LEU B 173 0.89 -30.24 7.48
C LEU B 173 0.79 -30.79 6.06
N TRP B 174 1.31 -30.03 5.10
CA TRP B 174 1.20 -30.37 3.68
C TRP B 174 2.56 -30.76 3.14
N ASP B 175 2.63 -31.94 2.53
CA ASP B 175 3.75 -32.30 1.67
C ASP B 175 3.50 -31.62 0.33
N ILE B 176 4.34 -30.63 0.01
CA ILE B 176 4.07 -29.78 -1.14
C ILE B 176 4.03 -30.59 -2.42
N GLU B 177 4.96 -31.52 -2.59
CA GLU B 177 5.01 -32.32 -3.82
C GLU B 177 3.75 -33.16 -3.96
N THR B 178 3.38 -33.90 -2.93
CA THR B 178 2.19 -34.76 -3.00
C THR B 178 0.90 -33.95 -2.87
N GLY B 179 0.94 -32.83 -2.15
CA GLY B 179 -0.23 -31.99 -1.99
C GLY B 179 -1.38 -32.64 -1.25
N GLN B 180 -1.08 -33.28 -0.13
CA GLN B 180 -2.09 -33.89 0.72
C GLN B 180 -1.80 -33.55 2.17
N GLN B 181 -2.85 -33.56 2.99
CA GLN B 181 -2.71 -33.29 4.41
C GLN B 181 -2.05 -34.48 5.11
N THR B 182 -0.72 -34.44 5.25
CA THR B 182 -0.02 -35.54 5.90
C THR B 182 -0.47 -35.70 7.35
N THR B 183 -0.60 -34.59 8.06
CA THR B 183 -1.06 -34.61 9.44
C THR B 183 -2.05 -33.46 9.65
N THR B 184 -3.06 -33.72 10.49
CA THR B 184 -4.10 -32.74 10.79
C THR B 184 -4.10 -32.47 12.28
N PHE B 185 -4.14 -31.19 12.65
CA PHE B 185 -4.19 -30.75 14.03
C PHE B 185 -5.56 -30.14 14.28
N THR B 186 -6.34 -30.77 15.16
CA THR B 186 -7.70 -30.34 15.46
C THR B 186 -7.91 -30.32 16.97
N GLY B 187 -8.83 -29.48 17.40
CA GLY B 187 -9.13 -29.33 18.82
C GLY B 187 -9.45 -27.91 19.19
N HIS B 188 -9.07 -26.95 18.36
CA HIS B 188 -9.35 -25.56 18.62
C HIS B 188 -10.84 -25.27 18.45
N THR B 189 -11.34 -24.33 19.25
CA THR B 189 -12.75 -23.95 19.25
C THR B 189 -13.04 -22.78 18.32
N GLY B 190 -12.02 -22.11 17.79
CA GLY B 190 -12.21 -20.96 16.93
C GLY B 190 -11.17 -20.93 15.84
N ASP B 191 -11.28 -19.91 14.99
CA ASP B 191 -10.36 -19.75 13.87
C ASP B 191 -8.93 -19.62 14.39
N VAL B 192 -8.00 -20.35 13.76
CA VAL B 192 -6.60 -20.35 14.17
C VAL B 192 -5.94 -19.17 13.48
N MET B 193 -5.93 -18.02 14.17
CA MET B 193 -5.41 -16.79 13.55
C MET B 193 -3.90 -16.83 13.46
N SER B 194 -3.21 -17.25 14.52
CA SER B 194 -1.77 -17.08 14.62
C SER B 194 -1.06 -18.42 14.71
N LEU B 195 0.10 -18.51 14.05
CA LEU B 195 0.94 -19.69 14.08
C LEU B 195 2.40 -19.26 14.23
N SER B 196 3.16 -19.99 15.04
CA SER B 196 4.59 -19.74 15.17
C SER B 196 5.33 -21.06 15.33
N LEU B 197 6.33 -21.27 14.49
CA LEU B 197 7.16 -22.47 14.54
C LEU B 197 8.33 -22.27 15.48
N ALA B 198 8.69 -23.33 16.20
CA ALA B 198 9.84 -23.26 17.09
C ALA B 198 11.14 -23.21 16.28
N PRO B 199 12.22 -22.68 16.87
CA PRO B 199 13.49 -22.64 16.13
C PRO B 199 13.91 -24.00 15.59
N ASP B 200 13.69 -25.07 16.34
CA ASP B 200 14.06 -26.41 15.88
C ASP B 200 13.01 -27.03 14.96
N THR B 201 11.84 -26.40 14.81
CA THR B 201 10.76 -26.82 13.94
C THR B 201 10.09 -28.12 14.38
N ARG B 202 10.53 -28.72 15.49
CA ARG B 202 9.87 -29.93 15.97
C ARG B 202 8.56 -29.61 16.66
N LEU B 203 8.47 -28.46 17.32
CA LEU B 203 7.27 -28.02 18.03
C LEU B 203 6.81 -26.69 17.46
N PHE B 204 5.53 -26.38 17.64
CA PHE B 204 5.01 -25.08 17.23
C PHE B 204 3.80 -24.73 18.08
N VAL B 205 3.35 -23.50 17.96
CA VAL B 205 2.26 -22.96 18.78
C VAL B 205 1.23 -22.30 17.86
N SER B 206 -0.04 -22.56 18.15
CA SER B 206 -1.14 -22.00 17.36
C SER B 206 -2.13 -21.32 18.29
N GLY B 207 -2.44 -20.06 18.01
CA GLY B 207 -3.38 -19.27 18.78
C GLY B 207 -4.63 -19.00 17.96
N ALA B 208 -5.80 -19.27 18.56
CA ALA B 208 -7.08 -19.21 17.87
C ALA B 208 -7.98 -18.16 18.51
N CYS B 209 -9.19 -18.04 17.94
CA CYS B 209 -10.14 -17.00 18.36
C CYS B 209 -10.89 -17.34 19.63
N ASP B 210 -10.73 -18.56 20.17
CA ASP B 210 -11.41 -18.96 21.39
C ASP B 210 -10.64 -18.59 22.64
N ALA B 211 -9.79 -17.54 22.56
CA ALA B 211 -8.98 -17.11 23.69
C ALA B 211 -8.08 -18.26 24.16
N SER B 212 -7.52 -19.02 23.21
CA SER B 212 -6.73 -20.18 23.53
C SER B 212 -5.52 -20.28 22.61
N ALA B 213 -4.45 -20.86 23.14
CA ALA B 213 -3.26 -21.21 22.41
C ALA B 213 -2.90 -22.66 22.71
N LYS B 214 -2.34 -23.35 21.72
CA LYS B 214 -2.05 -24.77 21.86
C LYS B 214 -0.65 -25.06 21.33
N LEU B 215 0.06 -25.93 22.05
CA LEU B 215 1.39 -26.37 21.67
C LEU B 215 1.28 -27.72 20.97
N TRP B 216 1.73 -27.78 19.72
CA TRP B 216 1.62 -28.96 18.88
C TRP B 216 3.01 -29.51 18.55
N ASP B 217 3.08 -30.83 18.44
CA ASP B 217 4.27 -31.52 17.95
C ASP B 217 3.97 -31.98 16.53
N VAL B 218 4.87 -31.64 15.60
CA VAL B 218 4.62 -31.94 14.19
C VAL B 218 4.54 -33.44 13.97
N ARG B 219 5.44 -34.20 14.59
CA ARG B 219 5.51 -35.64 14.35
C ARG B 219 4.38 -36.38 15.06
N GLU B 220 4.26 -36.20 16.38
CA GLU B 220 3.26 -36.93 17.13
C GLU B 220 1.85 -36.54 16.71
N GLY B 221 1.61 -35.24 16.50
CA GLY B 221 0.30 -34.78 16.08
C GLY B 221 -0.70 -34.60 17.20
N MET B 222 -0.25 -34.11 18.36
CA MET B 222 -1.11 -33.88 19.50
C MET B 222 -0.84 -32.49 20.07
N CYS B 223 -1.86 -31.90 20.68
CA CYS B 223 -1.72 -30.62 21.36
C CYS B 223 -1.22 -30.89 22.78
N ARG B 224 0.09 -30.71 22.98
CA ARG B 224 0.70 -31.10 24.24
C ARG B 224 0.23 -30.22 25.39
N GLN B 225 0.12 -28.91 25.15
CA GLN B 225 -0.23 -27.96 26.21
C GLN B 225 -1.28 -26.98 25.70
N THR B 226 -2.12 -26.53 26.62
CA THR B 226 -3.17 -25.55 26.32
C THR B 226 -3.04 -24.36 27.25
N PHE B 227 -3.21 -23.17 26.70
CA PHE B 227 -3.13 -21.93 27.46
C PHE B 227 -4.39 -21.11 27.20
N THR B 228 -5.00 -20.63 28.27
CA THR B 228 -6.25 -19.87 28.21
C THR B 228 -6.16 -18.61 29.07
N GLY B 229 -5.04 -17.89 28.94
CA GLY B 229 -4.83 -16.71 29.76
C GLY B 229 -5.61 -15.49 29.30
N HIS B 230 -5.89 -15.39 28.00
CA HIS B 230 -6.53 -14.20 27.46
C HIS B 230 -8.05 -14.28 27.63
N GLU B 231 -8.68 -13.10 27.66
CA GLU B 231 -10.13 -12.99 27.80
C GLU B 231 -10.83 -12.74 26.47
N SER B 232 -10.10 -12.70 25.36
CA SER B 232 -10.70 -12.40 24.06
C SER B 232 -9.97 -13.22 22.99
N ASP B 233 -10.32 -12.96 21.74
CA ASP B 233 -9.76 -13.73 20.63
C ASP B 233 -8.26 -13.44 20.50
N ILE B 234 -7.49 -14.48 20.20
CA ILE B 234 -6.06 -14.37 20.03
C ILE B 234 -5.77 -14.14 18.55
N ASN B 235 -5.18 -12.98 18.24
CA ASN B 235 -4.90 -12.61 16.86
C ASN B 235 -3.43 -12.69 16.48
N ALA B 236 -2.53 -12.98 17.43
CA ALA B 236 -1.12 -13.05 17.11
C ALA B 236 -0.41 -13.92 18.13
N ILE B 237 0.58 -14.68 17.67
CA ILE B 237 1.40 -15.51 18.54
C ILE B 237 2.80 -15.58 17.94
N CYS B 238 3.81 -15.49 18.80
CA CYS B 238 5.20 -15.56 18.37
C CYS B 238 6.00 -16.34 19.39
N PHE B 239 7.10 -16.92 18.93
CA PHE B 239 7.95 -17.79 19.74
C PHE B 239 9.09 -17.00 20.35
N PHE B 240 9.37 -17.26 21.63
CA PHE B 240 10.54 -16.67 22.26
C PHE B 240 11.79 -17.17 21.55
N PRO B 241 12.89 -16.41 21.37
CA PRO B 241 14.05 -16.96 20.68
C PRO B 241 14.69 -18.25 21.18
N ASN B 242 14.64 -18.52 22.48
CA ASN B 242 15.20 -19.73 23.13
C ASN B 242 14.38 -20.94 22.71
N GLY B 243 13.08 -20.75 22.56
CA GLY B 243 12.16 -21.83 22.21
C GLY B 243 11.41 -22.31 23.43
N ASN B 244 11.61 -21.72 24.62
CA ASN B 244 10.97 -22.23 25.82
C ASN B 244 9.83 -21.35 26.30
N ALA B 245 9.41 -20.37 25.50
CA ALA B 245 8.30 -19.51 25.84
C ALA B 245 7.76 -18.89 24.55
N PHE B 246 6.55 -18.34 24.65
CA PHE B 246 5.94 -17.66 23.51
C PHE B 246 5.08 -16.51 24.01
N ALA B 247 5.05 -15.44 23.21
CA ALA B 247 4.23 -14.28 23.48
C ALA B 247 2.97 -14.31 22.63
N THR B 248 1.89 -13.78 23.20
CA THR B 248 0.58 -13.84 22.58
C THR B 248 -0.07 -12.46 22.66
N GLY B 249 -0.65 -12.02 21.54
CA GLY B 249 -1.42 -10.80 21.48
C GLY B 249 -2.84 -11.07 21.04
N SER B 250 -3.81 -10.57 21.81
CA SER B 250 -5.21 -10.89 21.63
C SER B 250 -6.03 -9.61 21.53
N ASP B 251 -7.34 -9.79 21.34
CA ASP B 251 -8.26 -8.65 21.28
C ASP B 251 -8.45 -7.98 22.63
N ASP B 252 -7.96 -8.58 23.71
CA ASP B 252 -8.10 -7.99 25.05
C ASP B 252 -7.25 -6.75 25.25
N ALA B 253 -6.37 -6.44 24.29
CA ALA B 253 -5.49 -5.28 24.33
C ALA B 253 -4.30 -5.50 25.26
N THR B 254 -4.01 -6.74 25.62
CA THR B 254 -2.90 -7.05 26.53
C THR B 254 -2.09 -8.19 25.94
N CYS B 255 -0.78 -8.06 25.96
CA CYS B 255 0.11 -9.14 25.56
C CYS B 255 0.38 -10.05 26.76
N ARG B 256 0.69 -11.31 26.48
CA ARG B 256 0.92 -12.28 27.54
C ARG B 256 2.06 -13.21 27.20
N LEU B 257 2.88 -13.53 28.20
CA LEU B 257 3.98 -14.46 28.04
C LEU B 257 3.61 -15.80 28.67
N PHE B 258 3.77 -16.88 27.90
CA PHE B 258 3.47 -18.22 28.37
C PHE B 258 4.70 -19.09 28.15
N ASP B 259 5.22 -19.69 29.22
CA ASP B 259 6.39 -20.56 29.13
C ASP B 259 5.93 -22.01 29.05
N LEU B 260 6.53 -22.77 28.13
CA LEU B 260 6.10 -24.13 27.92
C LEU B 260 6.48 -25.05 29.07
N ARG B 261 7.62 -24.79 29.72
CA ARG B 261 8.09 -25.70 30.76
C ARG B 261 7.19 -25.67 31.99
N ALA B 262 6.87 -24.46 32.48
CA ALA B 262 6.03 -24.36 33.67
C ALA B 262 4.54 -24.47 33.35
N ASP B 263 4.14 -24.26 32.10
CA ASP B 263 2.77 -24.48 31.66
C ASP B 263 1.81 -23.44 32.26
N GLN B 264 2.22 -22.18 32.28
CA GLN B 264 1.33 -21.11 32.72
C GLN B 264 1.92 -19.77 32.29
N GLU B 265 1.10 -18.74 32.38
CA GLU B 265 1.50 -17.39 32.01
C GLU B 265 2.63 -16.90 32.92
N LEU B 266 3.48 -16.03 32.37
CA LEU B 266 4.60 -15.47 33.12
C LEU B 266 4.62 -13.95 33.17
N MET B 267 3.80 -13.26 32.38
CA MET B 267 3.72 -11.81 32.44
C MET B 267 2.55 -11.35 31.58
N THR B 268 1.95 -10.22 31.99
CA THR B 268 0.92 -9.53 31.23
C THR B 268 1.38 -8.10 30.99
N TYR B 269 1.33 -7.68 29.74
CA TYR B 269 1.69 -6.32 29.33
C TYR B 269 0.42 -5.60 28.92
N SER B 270 0.09 -4.54 29.67
CA SER B 270 -1.12 -3.78 29.41
C SER B 270 -0.95 -2.36 29.94
N HIS B 271 -1.58 -1.41 29.25
CA HIS B 271 -1.56 -0.02 29.66
C HIS B 271 -2.97 0.56 29.57
N ASP B 272 -3.26 1.49 30.48
CA ASP B 272 -4.59 2.10 30.52
C ASP B 272 -4.88 2.90 29.25
N ASN B 273 -3.85 3.36 28.55
CA ASN B 273 -4.05 4.19 27.36
C ASN B 273 -4.46 3.39 26.13
N ILE B 274 -4.37 2.07 26.17
CA ILE B 274 -4.65 1.21 25.02
C ILE B 274 -5.89 0.39 25.32
N ILE B 275 -6.84 0.40 24.37
CA ILE B 275 -8.07 -0.38 24.49
C ILE B 275 -8.36 -1.21 23.25
N CYS B 276 -7.52 -1.15 22.23
CA CYS B 276 -7.74 -1.87 20.98
C CYS B 276 -7.05 -3.23 21.02
N GLY B 277 -7.30 -4.03 19.97
CA GLY B 277 -6.69 -5.33 19.87
C GLY B 277 -5.25 -5.27 19.40
N ILE B 278 -4.60 -6.43 19.42
CA ILE B 278 -3.21 -6.58 19.00
C ILE B 278 -3.19 -7.38 17.70
N THR B 279 -2.50 -6.84 16.69
CA THR B 279 -2.47 -7.45 15.37
C THR B 279 -1.31 -8.43 15.20
N SER B 280 -0.12 -8.07 15.67
CA SER B 280 1.05 -8.94 15.53
C SER B 280 1.97 -8.73 16.72
N VAL B 281 2.77 -9.75 17.00
CA VAL B 281 3.71 -9.75 18.11
C VAL B 281 5.00 -10.42 17.65
N SER B 282 6.14 -9.88 18.09
CA SER B 282 7.43 -10.48 17.80
C SER B 282 8.39 -10.15 18.94
N PHE B 283 9.54 -10.82 18.92
CA PHE B 283 10.57 -10.64 19.93
C PHE B 283 11.88 -10.20 19.27
N SER B 284 12.70 -9.52 20.05
CA SER B 284 14.06 -9.22 19.63
C SER B 284 14.91 -10.47 19.70
N LYS B 285 16.18 -10.35 19.29
CA LYS B 285 17.06 -11.52 19.31
C LYS B 285 17.22 -12.07 20.72
N SER B 286 17.44 -11.18 21.69
CA SER B 286 17.56 -11.61 23.08
C SER B 286 16.20 -11.89 23.72
N GLY B 287 15.12 -11.33 23.18
CA GLY B 287 13.80 -11.52 23.73
C GLY B 287 13.42 -10.53 24.81
N ARG B 288 14.18 -9.45 24.98
CA ARG B 288 13.88 -8.45 25.99
C ARG B 288 13.09 -7.26 25.46
N LEU B 289 12.67 -7.30 24.20
CA LEU B 289 11.91 -6.21 23.59
C LEU B 289 10.73 -6.82 22.84
N LEU B 290 9.54 -6.75 23.42
CA LEU B 290 8.34 -7.28 22.79
C LEU B 290 7.73 -6.19 21.91
N LEU B 291 7.72 -6.43 20.60
CA LEU B 291 7.15 -5.49 19.65
C LEU B 291 5.74 -5.94 19.28
N ALA B 292 4.77 -5.04 19.46
CA ALA B 292 3.36 -5.36 19.24
C ALA B 292 2.72 -4.27 18.39
N GLY B 293 1.98 -4.69 17.37
CA GLY B 293 1.24 -3.76 16.54
C GLY B 293 -0.20 -3.62 17.03
N TYR B 294 -0.71 -2.39 16.97
CA TYR B 294 -2.02 -2.07 17.52
C TYR B 294 -2.87 -1.37 16.46
N ASP B 295 -4.19 -1.44 16.68
CA ASP B 295 -5.15 -0.86 15.74
C ASP B 295 -5.19 0.67 15.82
N ASP B 296 -4.54 1.29 16.80
CA ASP B 296 -4.50 2.74 16.91
C ASP B 296 -3.50 3.37 15.96
N PHE B 297 -3.00 2.63 14.97
CA PHE B 297 -2.00 3.07 14.01
C PHE B 297 -0.62 3.18 14.65
N ASN B 298 -0.45 2.68 15.87
CA ASN B 298 0.80 2.77 16.61
C ASN B 298 1.30 1.38 16.95
N CYS B 299 2.61 1.28 17.15
CA CYS B 299 3.26 0.05 17.58
C CYS B 299 4.01 0.33 18.88
N ASN B 300 4.10 -0.69 19.73
CA ASN B 300 4.68 -0.54 21.06
C ASN B 300 5.82 -1.52 21.26
N VAL B 301 6.90 -1.03 21.85
CA VAL B 301 8.06 -1.83 22.22
C VAL B 301 8.07 -1.87 23.75
N TRP B 302 7.65 -3.00 24.30
CA TRP B 302 7.66 -3.25 25.73
C TRP B 302 8.95 -3.96 26.13
N ASP B 303 9.23 -3.95 27.43
CA ASP B 303 10.33 -4.72 28.00
C ASP B 303 9.79 -6.06 28.48
N ALA B 304 10.31 -7.15 27.91
CA ALA B 304 9.75 -8.46 28.20
C ALA B 304 9.94 -8.84 29.66
N LEU B 305 11.11 -8.57 30.23
CA LEU B 305 11.43 -9.04 31.57
C LEU B 305 10.92 -8.11 32.67
N LYS B 306 10.45 -6.92 32.33
CA LYS B 306 9.99 -5.97 33.34
C LYS B 306 8.64 -5.33 33.03
N ALA B 307 8.10 -5.51 31.84
CA ALA B 307 6.77 -4.99 31.48
C ALA B 307 6.71 -3.47 31.65
N ASP B 308 7.56 -2.77 30.90
CA ASP B 308 7.55 -1.32 30.82
C ASP B 308 7.67 -0.92 29.36
N ARG B 309 6.82 0.03 28.94
CA ARG B 309 6.87 0.51 27.57
C ARG B 309 8.20 1.17 27.30
N ALA B 310 9.03 0.52 26.48
CA ALA B 310 10.35 1.10 26.16
C ALA B 310 10.26 2.08 25.01
N GLY B 311 9.29 1.94 24.12
CA GLY B 311 9.18 2.86 23.00
C GLY B 311 7.87 2.73 22.27
N VAL B 312 7.61 3.71 21.41
CA VAL B 312 6.43 3.73 20.55
C VAL B 312 6.86 4.11 19.14
N LEU B 313 6.39 3.35 18.16
CA LEU B 313 6.61 3.62 16.74
C LEU B 313 5.27 4.07 16.18
N ALA B 314 5.13 5.38 15.97
CA ALA B 314 3.87 5.98 15.57
C ALA B 314 3.83 6.38 14.10
N GLY B 315 4.80 5.94 13.31
CA GLY B 315 4.85 6.32 11.91
C GLY B 315 3.98 5.45 11.02
N HIS B 316 2.68 5.45 11.28
CA HIS B 316 1.74 4.68 10.47
C HIS B 316 0.41 5.43 10.42
N ASP B 317 -0.26 5.34 9.28
CA ASP B 317 -1.49 6.08 9.04
C ASP B 317 -2.74 5.22 9.16
N ASN B 318 -2.60 3.90 9.24
CA ASN B 318 -3.75 3.01 9.36
C ASN B 318 -3.36 1.84 10.25
N ARG B 319 -4.26 0.86 10.35
CA ARG B 319 -4.03 -0.30 11.21
C ARG B 319 -2.73 -0.99 10.84
N VAL B 320 -1.85 -1.16 11.83
CA VAL B 320 -0.67 -1.99 11.65
C VAL B 320 -1.13 -3.45 11.61
N SER B 321 -0.88 -4.12 10.48
CA SER B 321 -1.37 -5.47 10.25
C SER B 321 -0.28 -6.53 10.31
N CYS B 322 0.98 -6.16 10.13
CA CYS B 322 2.08 -7.10 10.04
C CYS B 322 3.28 -6.53 10.81
N LEU B 323 4.00 -7.43 11.47
CA LEU B 323 5.18 -7.03 12.23
C LEU B 323 6.17 -8.19 12.21
N GLY B 324 7.44 -7.87 11.99
CA GLY B 324 8.46 -8.91 11.91
C GLY B 324 9.87 -8.42 12.11
N VAL B 325 10.62 -9.10 12.96
CA VAL B 325 12.01 -8.75 13.27
C VAL B 325 12.94 -9.61 12.44
N THR B 326 14.05 -9.03 12.00
CA THR B 326 14.99 -9.74 11.16
C THR B 326 15.66 -10.88 11.95
N ASP B 327 16.20 -11.83 11.19
CA ASP B 327 16.94 -12.91 11.82
C ASP B 327 18.16 -12.37 12.56
N ASP B 328 18.89 -11.44 11.94
CA ASP B 328 20.00 -10.79 12.63
C ASP B 328 19.52 -9.80 13.68
N GLY B 329 18.26 -9.39 13.63
CA GLY B 329 17.71 -8.48 14.61
C GLY B 329 18.08 -7.03 14.43
N MET B 330 18.70 -6.66 13.30
CA MET B 330 19.14 -5.29 13.12
C MET B 330 17.96 -4.34 12.98
N ALA B 331 16.91 -4.75 12.26
CA ALA B 331 15.77 -3.89 11.99
C ALA B 331 14.48 -4.65 12.25
N VAL B 332 13.37 -3.92 12.21
CA VAL B 332 12.04 -4.50 12.28
C VAL B 332 11.22 -3.94 11.12
N ALA B 333 10.21 -4.68 10.70
CA ALA B 333 9.38 -4.31 9.57
C ALA B 333 7.92 -4.32 9.99
N THR B 334 7.20 -3.26 9.65
CA THR B 334 5.79 -3.11 9.99
C THR B 334 5.00 -2.82 8.73
N GLY B 335 3.92 -3.58 8.53
CA GLY B 335 3.02 -3.38 7.41
C GLY B 335 1.64 -2.98 7.92
N SER B 336 1.11 -1.91 7.35
CA SER B 336 -0.14 -1.33 7.82
C SER B 336 -1.16 -1.29 6.69
N TRP B 337 -2.43 -1.16 7.09
CA TRP B 337 -3.53 -1.03 6.15
C TRP B 337 -3.44 0.24 5.31
N ASP B 338 -2.45 1.10 5.57
CA ASP B 338 -2.26 2.30 4.77
C ASP B 338 -1.50 2.02 3.49
N SER B 339 -1.17 0.75 3.21
CA SER B 339 -0.47 0.32 2.00
C SER B 339 1.01 0.67 2.04
N PHE B 340 1.59 0.84 3.22
CA PHE B 340 3.00 1.16 3.37
C PHE B 340 3.68 0.13 4.26
N LEU B 341 4.81 -0.40 3.79
CA LEU B 341 5.66 -1.31 4.56
C LEU B 341 6.91 -0.53 4.97
N LYS B 342 7.05 -0.30 6.28
CA LYS B 342 8.08 0.58 6.81
C LYS B 342 9.05 -0.21 7.68
N ILE B 343 10.33 0.12 7.54
CA ILE B 343 11.41 -0.50 8.32
C ILE B 343 11.82 0.46 9.42
N TRP B 344 11.93 -0.04 10.64
CA TRP B 344 12.28 0.74 11.82
C TRP B 344 13.53 0.18 12.48
N ASN B 345 14.30 1.08 13.10
CA ASN B 345 15.49 0.72 13.85
C ASN B 345 16.01 1.97 14.55
N VAL C 1 14.25 -24.10 -22.41
CA VAL C 1 14.94 -22.87 -22.86
C VAL C 1 15.86 -23.16 -24.04
N GLN C 2 15.55 -22.59 -25.19
CA GLN C 2 16.41 -22.71 -26.37
C GLN C 2 16.36 -21.40 -27.15
N LEU C 3 17.55 -20.89 -27.47
CA LEU C 3 17.71 -19.69 -28.29
C LEU C 3 18.41 -20.11 -29.58
N VAL C 4 17.68 -20.06 -30.69
CA VAL C 4 18.20 -20.46 -32.00
C VAL C 4 18.41 -19.21 -32.84
N GLU C 5 19.56 -19.11 -33.48
CA GLU C 5 19.96 -17.93 -34.22
C GLU C 5 20.11 -18.27 -35.70
N SER C 6 19.80 -17.31 -36.56
CA SER C 6 19.90 -17.51 -37.99
C SER C 6 20.11 -16.17 -38.67
N GLY C 7 20.62 -16.21 -39.90
CA GLY C 7 20.82 -15.00 -40.68
C GLY C 7 22.27 -14.61 -40.82
N GLY C 8 23.16 -15.60 -40.93
CA GLY C 8 24.58 -15.34 -41.09
C GLY C 8 25.19 -16.15 -42.21
N GLY C 9 25.77 -15.49 -43.20
CA GLY C 9 26.38 -16.18 -44.32
C GLY C 9 27.55 -15.43 -44.91
N LEU C 10 27.88 -15.73 -46.17
CA LEU C 10 29.00 -15.06 -46.83
C LEU C 10 28.61 -13.64 -47.20
N VAL C 11 29.37 -12.67 -46.69
CA VAL C 11 29.14 -11.25 -46.96
C VAL C 11 30.47 -10.62 -47.32
N GLN C 12 30.39 -9.52 -48.05
CA GLN C 12 31.57 -8.77 -48.48
C GLN C 12 31.70 -7.48 -47.67
N PRO C 13 32.88 -6.88 -47.64
CA PRO C 13 33.07 -5.65 -46.86
C PRO C 13 32.11 -4.56 -47.32
N GLY C 14 31.59 -3.80 -46.35
CA GLY C 14 30.65 -2.75 -46.61
C GLY C 14 29.21 -3.18 -46.66
N GLY C 15 28.93 -4.48 -46.56
CA GLY C 15 27.57 -4.96 -46.62
C GLY C 15 26.81 -4.74 -45.33
N SER C 16 25.50 -5.01 -45.40
CA SER C 16 24.61 -4.86 -44.26
C SER C 16 23.72 -6.10 -44.18
N ARG C 17 23.93 -6.91 -43.14
CA ARG C 17 23.15 -8.12 -42.93
C ARG C 17 22.56 -8.09 -41.53
N LYS C 18 21.38 -8.70 -41.38
CA LYS C 18 20.67 -8.72 -40.11
C LYS C 18 20.66 -10.13 -39.55
N LEU C 19 21.05 -10.27 -38.30
CA LEU C 19 20.97 -11.54 -37.58
C LEU C 19 19.70 -11.56 -36.75
N SER C 20 19.02 -12.70 -36.75
CA SER C 20 17.80 -12.90 -35.99
C SER C 20 18.01 -13.98 -34.94
N CYS C 21 17.36 -13.80 -33.81
CA CYS C 21 17.56 -14.65 -32.63
C CYS C 21 16.19 -14.95 -32.04
N SER C 22 15.76 -16.21 -32.09
CA SER C 22 14.44 -16.62 -31.65
C SER C 22 14.55 -17.44 -30.38
N ALA C 23 13.78 -17.07 -29.37
CA ALA C 23 13.78 -17.73 -28.07
C ALA C 23 12.51 -18.56 -27.91
N SER C 24 12.64 -19.66 -27.16
CA SER C 24 11.46 -20.45 -26.79
C SER C 24 11.73 -21.11 -25.45
N GLY C 25 10.73 -21.05 -24.56
CA GLY C 25 10.82 -21.70 -23.26
C GLY C 25 11.07 -20.79 -22.09
N PHE C 26 11.12 -19.47 -22.29
CA PHE C 26 11.30 -18.55 -21.18
C PHE C 26 10.74 -17.19 -21.57
N ALA C 27 10.53 -16.35 -20.56
CA ALA C 27 9.98 -15.02 -20.75
C ALA C 27 11.02 -14.14 -21.44
N PHE C 28 10.87 -13.95 -22.75
CA PHE C 28 11.82 -13.12 -23.49
C PHE C 28 11.76 -11.67 -23.02
N SER C 29 10.56 -11.17 -22.71
CA SER C 29 10.41 -9.77 -22.33
C SER C 29 11.17 -9.46 -21.04
N SER C 30 11.09 -10.34 -20.05
CA SER C 30 11.70 -10.06 -18.76
C SER C 30 13.22 -10.06 -18.84
N PHE C 31 13.79 -10.95 -19.65
CA PHE C 31 15.24 -11.09 -19.72
C PHE C 31 15.85 -10.02 -20.62
N GLY C 32 17.09 -9.63 -20.29
CA GLY C 32 17.89 -8.81 -21.18
C GLY C 32 18.75 -9.67 -22.09
N MET C 33 19.15 -9.10 -23.22
CA MET C 33 19.86 -9.84 -24.25
C MET C 33 21.24 -9.25 -24.49
N HIS C 34 22.20 -10.12 -24.75
CA HIS C 34 23.56 -9.74 -25.08
C HIS C 34 24.01 -10.49 -26.34
N TRP C 35 24.86 -9.85 -27.12
CA TRP C 35 25.48 -10.48 -28.29
C TRP C 35 26.97 -10.63 -28.04
N VAL C 36 27.48 -11.85 -28.21
CA VAL C 36 28.88 -12.16 -27.96
C VAL C 36 29.48 -12.77 -29.21
N ARG C 37 30.62 -12.24 -29.66
CA ARG C 37 31.30 -12.74 -30.83
C ARG C 37 32.52 -13.56 -30.42
N GLN C 38 32.73 -14.69 -31.11
CA GLN C 38 33.94 -15.47 -31.01
C GLN C 38 34.60 -15.45 -32.38
N ALA C 39 35.69 -14.70 -32.52
CA ALA C 39 36.43 -14.69 -33.77
C ALA C 39 37.20 -16.01 -33.91
N PRO C 40 37.34 -16.54 -35.11
CA PRO C 40 38.02 -17.84 -35.27
C PRO C 40 39.42 -17.79 -34.68
N GLU C 41 39.76 -18.82 -33.90
CA GLU C 41 41.05 -18.90 -33.22
C GLU C 41 41.31 -17.62 -32.43
N LYS C 42 40.31 -17.23 -31.63
CA LYS C 42 40.39 -16.00 -30.84
C LYS C 42 39.48 -16.15 -29.63
N GLY C 43 39.51 -15.13 -28.77
CA GLY C 43 38.71 -15.12 -27.57
C GLY C 43 37.31 -14.57 -27.80
N LEU C 44 36.60 -14.38 -26.69
CA LEU C 44 35.25 -13.84 -26.72
C LEU C 44 35.28 -12.32 -26.60
N GLU C 45 34.31 -11.68 -27.25
CA GLU C 45 34.13 -10.23 -27.16
C GLU C 45 32.64 -9.93 -27.11
N TRP C 46 32.29 -8.85 -26.42
CA TRP C 46 30.90 -8.44 -26.26
C TRP C 46 30.54 -7.45 -27.36
N VAL C 47 29.39 -7.68 -28.00
CA VAL C 47 28.98 -6.87 -29.14
C VAL C 47 28.01 -5.78 -28.70
N ALA C 48 26.86 -6.17 -28.16
CA ALA C 48 25.83 -5.21 -27.81
C ALA C 48 24.96 -5.80 -26.71
N TYR C 49 24.24 -4.92 -26.01
CA TYR C 49 23.35 -5.30 -24.93
C TYR C 49 22.07 -4.49 -25.00
N ILE C 50 20.94 -5.17 -24.82
CA ILE C 50 19.63 -4.55 -24.73
C ILE C 50 18.98 -5.00 -23.42
N SER C 51 18.49 -4.04 -22.64
CA SER C 51 17.83 -4.35 -21.40
C SER C 51 16.39 -4.77 -21.66
N SER C 52 15.77 -5.37 -20.64
CA SER C 52 14.35 -5.68 -20.72
C SER C 52 13.56 -4.40 -20.88
N GLY C 53 12.71 -4.35 -21.90
CA GLY C 53 11.92 -3.18 -22.19
C GLY C 53 12.60 -2.13 -23.05
N SER C 54 13.86 -2.34 -23.42
CA SER C 54 14.61 -1.38 -24.23
C SER C 54 14.82 -0.06 -23.51
N GLY C 55 14.89 -0.12 -22.17
CA GLY C 55 15.18 1.06 -21.37
C GLY C 55 16.65 1.37 -21.21
N THR C 56 17.52 0.48 -21.69
CA THR C 56 18.97 0.68 -21.57
C THR C 56 19.65 -0.16 -22.64
N ILE C 57 20.36 0.49 -23.55
CA ILE C 57 21.01 -0.17 -24.68
C ILE C 57 22.46 0.30 -24.75
N TYR C 58 23.38 -0.65 -24.89
CA TYR C 58 24.81 -0.33 -24.93
C TYR C 58 25.48 -1.10 -26.05
N TYR C 59 26.60 -0.55 -26.53
CA TYR C 59 27.39 -1.16 -27.60
C TYR C 59 28.87 -1.11 -27.24
N ALA C 60 29.63 -2.01 -27.85
CA ALA C 60 31.07 -2.06 -27.63
C ALA C 60 31.77 -0.93 -28.39
N ASP C 61 32.99 -0.61 -27.95
CA ASP C 61 33.75 0.46 -28.58
C ASP C 61 34.11 0.11 -30.02
N THR C 62 34.52 -1.13 -30.28
CA THR C 62 34.96 -1.50 -31.62
C THR C 62 33.83 -1.36 -32.63
N VAL C 63 32.61 -1.73 -32.24
CA VAL C 63 31.44 -1.60 -33.11
C VAL C 63 30.55 -0.46 -32.66
N LYS C 64 31.11 0.53 -31.96
CA LYS C 64 30.32 1.65 -31.47
C LYS C 64 29.63 2.36 -32.63
N GLY C 65 28.30 2.40 -32.57
CA GLY C 65 27.51 3.05 -33.61
C GLY C 65 27.20 2.20 -34.82
N ARG C 66 28.20 1.52 -35.36
CA ARG C 66 28.01 0.77 -36.61
C ARG C 66 26.95 -0.31 -36.45
N PHE C 67 26.98 -1.04 -35.34
CA PHE C 67 26.04 -2.12 -35.09
C PHE C 67 24.90 -1.60 -34.22
N THR C 68 23.70 -2.13 -34.47
CA THR C 68 22.50 -1.75 -33.75
C THR C 68 21.81 -2.99 -33.20
N ILE C 69 21.14 -2.82 -32.06
CA ILE C 69 20.41 -3.89 -31.40
C ILE C 69 18.97 -3.46 -31.20
N SER C 70 18.04 -4.34 -31.55
CA SER C 70 16.62 -4.04 -31.39
C SER C 70 15.88 -5.36 -31.14
N ARG C 71 14.85 -5.29 -30.30
CA ARG C 71 14.09 -6.46 -29.91
C ARG C 71 12.62 -6.27 -30.27
N ASP C 72 11.97 -7.36 -30.66
CA ASP C 72 10.54 -7.39 -30.98
C ASP C 72 9.89 -8.40 -30.03
N ASP C 73 9.46 -7.90 -28.87
CA ASP C 73 8.87 -8.78 -27.87
C ASP C 73 7.62 -9.52 -28.37
N PRO C 74 6.68 -8.88 -29.07
CA PRO C 74 5.49 -9.64 -29.51
C PRO C 74 5.84 -10.88 -30.33
N LYS C 75 6.85 -10.80 -31.18
CA LYS C 75 7.30 -11.96 -31.95
C LYS C 75 8.34 -12.80 -31.20
N ASN C 76 8.78 -12.34 -30.02
CA ASN C 76 9.78 -13.07 -29.23
C ASN C 76 11.04 -13.31 -30.06
N THR C 77 11.62 -12.23 -30.55
CA THR C 77 12.82 -12.31 -31.37
C THR C 77 13.66 -11.06 -31.17
N LEU C 78 14.96 -11.20 -31.46
CA LEU C 78 15.92 -10.12 -31.34
C LEU C 78 16.70 -10.01 -32.63
N PHE C 79 17.12 -8.78 -32.95
CA PHE C 79 17.77 -8.47 -34.22
C PHE C 79 19.13 -7.82 -33.98
N LEU C 80 19.91 -7.76 -35.06
CA LEU C 80 21.20 -7.07 -35.03
C LEU C 80 21.51 -6.63 -36.47
N GLN C 81 21.32 -5.34 -36.74
CA GLN C 81 21.56 -4.78 -38.07
C GLN C 81 23.01 -4.34 -38.16
N MET C 82 23.74 -4.93 -39.12
CA MET C 82 25.15 -4.59 -39.32
C MET C 82 25.29 -3.56 -40.42
N THR C 83 26.31 -2.71 -40.27
CA THR C 83 26.65 -1.71 -41.28
C THR C 83 28.16 -1.58 -41.37
N SER C 84 28.65 -1.31 -42.58
CA SER C 84 30.08 -1.11 -42.84
C SER C 84 30.88 -2.32 -42.35
N LEU C 85 30.60 -3.47 -42.97
CA LEU C 85 31.28 -4.70 -42.59
C LEU C 85 32.77 -4.62 -42.89
N ARG C 86 33.56 -5.27 -42.03
CA ARG C 86 35.01 -5.30 -42.16
C ARG C 86 35.51 -6.72 -41.96
N SER C 87 36.71 -6.98 -42.48
CA SER C 87 37.28 -8.32 -42.42
C SER C 87 37.49 -8.80 -40.99
N GLU C 88 37.64 -7.88 -40.03
CA GLU C 88 37.81 -8.27 -38.63
C GLU C 88 36.52 -8.78 -38.01
N ASP C 89 35.36 -8.53 -38.63
CA ASP C 89 34.09 -8.87 -38.03
C ASP C 89 33.72 -10.34 -38.18
N THR C 90 34.41 -11.07 -39.05
CA THR C 90 34.12 -12.50 -39.20
C THR C 90 34.23 -13.21 -37.87
N ALA C 91 33.17 -13.90 -37.48
CA ALA C 91 33.11 -14.53 -36.16
C ALA C 91 31.82 -15.32 -36.03
N MET C 92 31.73 -16.10 -34.97
CA MET C 92 30.49 -16.78 -34.60
C MET C 92 29.81 -15.96 -33.52
N TYR C 93 28.59 -15.50 -33.80
CA TYR C 93 27.84 -14.64 -32.90
C TYR C 93 26.82 -15.47 -32.13
N TYR C 94 26.83 -15.33 -30.80
CA TYR C 94 25.90 -16.01 -29.91
C TYR C 94 25.02 -14.99 -29.19
N CYS C 95 23.84 -15.46 -28.81
CA CYS C 95 22.90 -14.72 -27.97
C CYS C 95 23.04 -15.23 -26.54
N VAL C 96 23.20 -14.32 -25.59
CA VAL C 96 23.17 -14.66 -24.18
C VAL C 96 22.00 -13.93 -23.54
N ARG C 97 21.43 -14.56 -22.52
CA ARG C 97 20.31 -13.99 -21.76
C ARG C 97 20.81 -13.66 -20.36
N SER C 98 20.39 -12.51 -19.85
CA SER C 98 20.79 -12.04 -18.52
C SER C 98 19.61 -11.32 -17.87
N ILE C 99 19.10 -11.90 -16.79
CA ILE C 99 18.14 -11.23 -15.91
C ILE C 99 18.91 -10.73 -14.70
N TYR C 100 18.67 -9.48 -14.33
CA TYR C 100 19.43 -8.81 -13.27
C TYR C 100 18.52 -8.53 -12.09
N TYR C 101 18.65 -9.34 -11.05
CA TYR C 101 17.99 -9.09 -9.77
C TYR C 101 18.80 -9.77 -8.68
N TYR C 102 18.56 -9.37 -7.44
CA TYR C 102 19.31 -9.92 -6.32
C TYR C 102 19.24 -11.43 -6.31
N GLY C 103 20.40 -12.08 -6.33
CA GLY C 103 20.46 -13.52 -6.40
C GLY C 103 20.21 -14.11 -7.77
N SER C 104 20.32 -13.30 -8.83
CA SER C 104 20.15 -13.80 -10.18
C SER C 104 21.40 -14.57 -10.61
N SER C 105 21.35 -15.12 -11.83
CA SER C 105 22.48 -15.81 -12.44
C SER C 105 22.63 -15.29 -13.87
N PRO C 106 23.17 -14.08 -14.04
CA PRO C 106 23.28 -13.49 -15.37
C PRO C 106 24.20 -14.30 -16.28
N PHE C 107 24.05 -14.05 -17.58
CA PHE C 107 24.81 -14.77 -18.60
C PHE C 107 24.66 -16.27 -18.40
N ASP C 108 23.41 -16.70 -18.31
CA ASP C 108 23.08 -18.08 -17.96
C ASP C 108 22.99 -18.99 -19.18
N PHE C 109 22.13 -18.65 -20.14
CA PHE C 109 21.94 -19.44 -21.35
C PHE C 109 22.61 -18.76 -22.53
N TRP C 110 23.34 -19.54 -23.32
CA TRP C 110 24.01 -19.07 -24.53
C TRP C 110 23.43 -19.79 -25.74
N GLY C 111 23.41 -19.10 -26.88
CA GLY C 111 22.91 -19.68 -28.10
C GLY C 111 23.99 -20.43 -28.88
N GLN C 112 23.53 -21.25 -29.83
CA GLN C 112 24.45 -22.11 -30.57
C GLN C 112 25.50 -21.28 -31.31
N GLY C 113 25.06 -20.27 -32.05
CA GLY C 113 26.01 -19.39 -32.74
C GLY C 113 25.85 -19.41 -34.25
N THR C 114 25.81 -18.22 -34.83
CA THR C 114 25.75 -18.05 -36.29
C THR C 114 27.14 -17.64 -36.79
N THR C 115 27.64 -18.37 -37.78
CA THR C 115 28.92 -18.04 -38.38
C THR C 115 28.77 -16.87 -39.35
N LEU C 116 29.78 -16.01 -39.38
CA LEU C 116 29.83 -14.90 -40.33
C LEU C 116 31.23 -14.82 -40.91
N THR C 117 31.33 -14.98 -42.22
CA THR C 117 32.61 -14.94 -42.94
C THR C 117 32.57 -13.73 -43.87
N VAL C 118 33.25 -12.65 -43.46
CA VAL C 118 33.33 -11.46 -44.28
C VAL C 118 34.48 -11.61 -45.27
N SER C 119 34.25 -11.21 -46.51
CA SER C 119 35.28 -11.26 -47.54
C SER C 119 35.77 -12.68 -47.75
N GLY C 134 41.42 -1.34 -24.39
CA GLY C 134 40.86 -0.17 -25.07
C GLY C 134 40.18 0.79 -24.11
N SER C 135 40.88 1.87 -23.79
CA SER C 135 40.30 2.89 -22.93
C SER C 135 40.31 2.49 -21.46
N ALA C 136 39.31 2.97 -20.73
CA ALA C 136 39.16 2.68 -19.31
C ALA C 136 38.32 1.41 -19.11
N ASP C 137 38.73 0.35 -19.84
CA ASP C 137 38.01 -0.94 -19.84
C ASP C 137 38.83 -1.96 -19.06
N ILE C 138 38.25 -2.57 -18.03
CA ILE C 138 39.04 -3.49 -17.18
C ILE C 138 39.77 -4.45 -18.14
N VAL C 139 41.04 -4.75 -17.87
CA VAL C 139 41.81 -5.71 -18.71
C VAL C 139 41.94 -7.01 -17.90
N MET C 140 41.44 -8.10 -18.46
CA MET C 140 41.46 -9.42 -17.81
C MET C 140 42.58 -10.22 -18.47
N THR C 141 43.49 -10.76 -17.68
CA THR C 141 44.65 -11.52 -18.13
C THR C 141 44.58 -12.94 -17.58
N GLN C 142 44.81 -13.91 -18.46
CA GLN C 142 44.94 -15.32 -18.09
C GLN C 142 46.26 -15.78 -18.71
N ALA C 143 47.34 -15.70 -17.92
CA ALA C 143 48.67 -15.92 -18.48
C ALA C 143 48.82 -17.32 -19.05
N THR C 144 48.34 -18.33 -18.34
CA THR C 144 48.51 -19.72 -18.77
C THR C 144 47.65 -19.98 -19.99
N SER C 145 48.29 -20.13 -21.16
CA SER C 145 47.56 -20.46 -22.38
C SER C 145 47.11 -21.91 -22.38
N SER C 146 47.96 -22.83 -21.92
CA SER C 146 47.64 -24.24 -21.86
C SER C 146 48.06 -24.80 -20.50
N VAL C 147 47.18 -25.59 -19.90
CA VAL C 147 47.46 -26.23 -18.61
C VAL C 147 47.11 -27.72 -18.71
N PRO C 148 48.02 -28.55 -19.22
CA PRO C 148 47.70 -29.99 -19.36
C PRO C 148 47.53 -30.65 -18.01
N VAL C 149 46.45 -31.43 -17.87
CA VAL C 149 46.17 -32.19 -16.66
C VAL C 149 45.47 -33.48 -17.05
N THR C 150 45.59 -34.53 -16.15
CA THR C 150 45.01 -35.84 -16.35
C THR C 150 43.71 -35.99 -15.55
N PRO C 151 42.80 -36.88 -15.97
CA PRO C 151 41.57 -37.09 -15.21
C PRO C 151 41.85 -37.50 -13.77
N GLY C 152 41.01 -37.01 -12.86
CA GLY C 152 41.11 -37.30 -11.45
C GLY C 152 41.95 -36.34 -10.65
N GLU C 153 42.81 -35.57 -11.33
CA GLU C 153 43.64 -34.57 -10.66
C GLU C 153 42.94 -33.23 -10.59
N SER C 154 43.26 -32.45 -9.57
CA SER C 154 42.69 -31.12 -9.43
C SER C 154 43.43 -30.13 -10.33
N VAL C 155 42.68 -29.15 -10.83
CA VAL C 155 43.21 -28.15 -11.74
C VAL C 155 42.91 -26.77 -11.18
N SER C 156 43.78 -25.82 -11.49
CA SER C 156 43.62 -24.43 -11.06
C SER C 156 43.85 -23.50 -12.23
N ILE C 157 43.04 -22.45 -12.31
CA ILE C 157 43.15 -21.42 -13.34
C ILE C 157 43.16 -20.06 -12.64
N SER C 158 44.17 -19.25 -12.94
CA SER C 158 44.36 -17.95 -12.30
C SER C 158 44.14 -16.83 -13.30
N CYS C 159 43.49 -15.76 -12.85
CA CYS C 159 43.28 -14.57 -13.67
C CYS C 159 43.44 -13.33 -12.79
N ARG C 160 43.46 -12.17 -13.44
CA ARG C 160 43.72 -10.90 -12.75
C ARG C 160 42.96 -9.78 -13.45
N SER C 161 42.89 -8.65 -12.77
CA SER C 161 42.25 -7.46 -13.29
C SER C 161 43.09 -6.23 -12.93
N SER C 162 43.19 -5.30 -13.86
CA SER C 162 43.90 -4.06 -13.59
C SER C 162 43.25 -3.29 -12.45
N LYS C 163 41.92 -3.23 -12.45
CA LYS C 163 41.15 -2.55 -11.41
C LYS C 163 40.47 -3.58 -10.53
N SER C 164 40.32 -3.24 -9.25
CA SER C 164 39.69 -4.15 -8.31
C SER C 164 38.24 -4.39 -8.70
N LEU C 165 37.81 -5.65 -8.66
CA LEU C 165 36.45 -6.02 -9.02
C LEU C 165 35.48 -5.94 -7.85
N LEU C 166 35.93 -5.56 -6.67
CA LEU C 166 35.06 -5.46 -5.50
C LEU C 166 34.43 -4.07 -5.44
N HIS C 167 33.19 -4.03 -4.95
CA HIS C 167 32.40 -2.81 -4.88
C HIS C 167 31.92 -2.60 -3.46
N SER C 168 31.54 -1.34 -3.15
CA SER C 168 31.05 -1.03 -1.82
C SER C 168 29.90 -1.95 -1.42
N ASN C 169 29.03 -2.29 -2.38
CA ASN C 169 27.95 -3.23 -2.08
C ASN C 169 28.50 -4.55 -1.55
N GLY C 170 29.72 -4.90 -1.94
CA GLY C 170 30.42 -6.05 -1.40
C GLY C 170 30.50 -7.25 -2.32
N ASN C 171 30.14 -7.11 -3.59
CA ASN C 171 30.10 -8.23 -4.52
C ASN C 171 31.30 -8.16 -5.46
N THR C 172 31.89 -9.32 -5.75
CA THR C 172 32.93 -9.43 -6.74
C THR C 172 32.28 -9.79 -8.07
N TYR C 173 32.40 -8.89 -9.06
CA TYR C 173 31.74 -9.06 -10.35
C TYR C 173 32.70 -9.78 -11.30
N LEU C 174 32.83 -11.09 -11.07
CA LEU C 174 33.65 -11.95 -11.91
C LEU C 174 32.81 -13.15 -12.32
N TYR C 175 32.87 -13.49 -13.62
CA TYR C 175 32.14 -14.62 -14.17
C TYR C 175 33.13 -15.58 -14.82
N TRP C 176 33.03 -16.85 -14.45
CA TRP C 176 33.83 -17.92 -15.05
C TRP C 176 32.93 -18.74 -15.96
N PHE C 177 33.30 -18.81 -17.24
CA PHE C 177 32.62 -19.61 -18.25
C PHE C 177 33.58 -20.66 -18.80
N LEU C 178 33.00 -21.69 -19.42
CA LEU C 178 33.77 -22.74 -20.06
C LEU C 178 33.15 -23.04 -21.42
N GLN C 179 33.96 -23.01 -22.47
CA GLN C 179 33.54 -23.40 -23.81
C GLN C 179 34.20 -24.72 -24.16
N ARG C 180 33.39 -25.75 -24.40
CA ARG C 180 33.91 -27.07 -24.70
C ARG C 180 34.22 -27.18 -26.20
N PRO C 181 35.01 -28.18 -26.59
CA PRO C 181 35.29 -28.37 -28.03
C PRO C 181 34.00 -28.51 -28.82
N GLY C 182 33.89 -27.71 -29.88
CA GLY C 182 32.69 -27.70 -30.70
C GLY C 182 31.40 -27.62 -29.91
N GLN C 183 31.29 -26.67 -29.00
CA GLN C 183 30.06 -26.44 -28.27
C GLN C 183 30.03 -25.00 -27.78
N SER C 184 28.83 -24.54 -27.45
CA SER C 184 28.64 -23.15 -27.04
C SER C 184 29.15 -22.94 -25.62
N PRO C 185 29.45 -21.70 -25.25
CA PRO C 185 29.92 -21.44 -23.88
C PRO C 185 28.80 -21.57 -22.86
N GLN C 186 29.19 -21.95 -21.63
CA GLN C 186 28.28 -22.08 -20.53
C GLN C 186 28.83 -21.34 -19.31
N LEU C 187 27.94 -21.01 -18.38
CA LEU C 187 28.33 -20.32 -17.16
C LEU C 187 28.70 -21.34 -16.09
N LEU C 188 29.85 -21.13 -15.45
CA LEU C 188 30.27 -21.94 -14.32
C LEU C 188 30.07 -21.20 -13.00
N ILE C 189 30.64 -20.00 -12.88
CA ILE C 189 30.53 -19.20 -11.66
C ILE C 189 30.04 -17.81 -12.08
N TYR C 190 29.00 -17.30 -11.39
CA TYR C 190 28.50 -16.00 -11.80
C TYR C 190 29.12 -14.83 -11.03
N ARG C 191 29.30 -14.94 -9.70
CA ARG C 191 30.06 -13.91 -8.97
C ARG C 191 31.07 -14.58 -8.04
N MET C 192 32.18 -15.06 -8.62
CA MET C 192 33.43 -15.35 -7.92
C MET C 192 33.34 -16.44 -6.86
N SER C 193 32.13 -16.82 -6.45
CA SER C 193 31.97 -17.81 -5.39
C SER C 193 30.79 -18.74 -5.58
N ASN C 194 29.85 -18.43 -6.47
CA ASN C 194 28.56 -19.09 -6.53
C ASN C 194 28.49 -19.96 -7.78
N LEU C 195 28.02 -21.19 -7.61
CA LEU C 195 27.94 -22.14 -8.71
C LEU C 195 26.61 -21.98 -9.43
N ALA C 196 26.67 -21.93 -10.76
CA ALA C 196 25.48 -21.77 -11.56
C ALA C 196 24.64 -23.06 -11.54
N SER C 197 23.37 -22.92 -11.92
CA SER C 197 22.47 -24.07 -11.93
C SER C 197 22.98 -25.14 -12.88
N GLY C 198 23.03 -26.38 -12.39
CA GLY C 198 23.44 -27.50 -13.20
C GLY C 198 24.93 -27.73 -13.31
N VAL C 199 25.73 -27.01 -12.54
CA VAL C 199 27.18 -27.14 -12.57
C VAL C 199 27.62 -28.12 -11.49
N PRO C 200 28.46 -29.12 -11.81
CA PRO C 200 28.98 -30.01 -10.75
C PRO C 200 29.62 -29.23 -9.60
N ASP C 201 29.52 -29.78 -8.38
CA ASP C 201 30.12 -29.13 -7.23
C ASP C 201 31.64 -29.12 -7.28
N ARG C 202 32.27 -29.92 -8.14
CA ARG C 202 33.72 -29.91 -8.23
C ARG C 202 34.24 -28.50 -8.43
N PHE C 203 33.65 -27.77 -9.38
CA PHE C 203 34.06 -26.41 -9.66
C PHE C 203 33.87 -25.53 -8.43
N SER C 204 34.83 -24.64 -8.21
CA SER C 204 34.75 -23.69 -7.10
C SER C 204 35.59 -22.47 -7.47
N GLY C 205 35.24 -21.33 -6.90
CA GLY C 205 35.90 -20.08 -7.22
C GLY C 205 36.22 -19.28 -5.99
N SER C 206 37.39 -18.64 -6.01
CA SER C 206 37.82 -17.79 -4.90
C SER C 206 38.62 -16.62 -5.46
N GLY C 207 38.84 -15.63 -4.60
CA GLY C 207 39.60 -14.47 -5.00
C GLY C 207 39.62 -13.44 -3.90
N SER C 208 40.38 -12.37 -4.14
CA SER C 208 40.53 -11.29 -3.19
C SER C 208 40.04 -9.95 -3.71
N GLY C 209 40.03 -9.74 -5.02
CA GLY C 209 39.64 -8.45 -5.58
C GLY C 209 40.53 -8.05 -6.75
N THR C 210 41.75 -8.58 -6.77
CA THR C 210 42.71 -8.30 -7.83
C THR C 210 43.16 -9.55 -8.57
N ALA C 211 43.26 -10.69 -7.88
CA ALA C 211 43.63 -11.96 -8.49
C ALA C 211 42.60 -13.00 -8.07
N PHE C 212 42.16 -13.82 -9.01
CA PHE C 212 41.11 -14.78 -8.76
C PHE C 212 41.51 -16.16 -9.28
N THR C 213 41.03 -17.19 -8.60
CA THR C 213 41.36 -18.58 -8.93
C THR C 213 40.08 -19.40 -9.06
N LEU C 214 40.04 -20.24 -10.09
CA LEU C 214 38.98 -21.22 -10.29
C LEU C 214 39.61 -22.60 -10.17
N THR C 215 39.09 -23.42 -9.26
CA THR C 215 39.63 -24.73 -8.96
C THR C 215 38.62 -25.81 -9.31
N ILE C 216 39.08 -26.84 -10.00
CA ILE C 216 38.29 -28.04 -10.29
C ILE C 216 38.87 -29.17 -9.45
N SER C 217 38.05 -29.75 -8.58
CA SER C 217 38.56 -30.73 -7.63
C SER C 217 39.10 -31.97 -8.33
N ARG C 218 38.30 -32.57 -9.21
CA ARG C 218 38.72 -33.75 -9.97
C ARG C 218 38.37 -33.54 -11.43
N LEU C 219 39.31 -33.84 -12.32
CA LEU C 219 39.11 -33.61 -13.74
C LEU C 219 38.39 -34.80 -14.37
N GLU C 220 37.47 -34.49 -15.29
CA GLU C 220 36.71 -35.51 -16.00
C GLU C 220 36.86 -35.22 -17.49
N ALA C 221 36.09 -35.93 -18.31
CA ALA C 221 36.17 -35.79 -19.76
C ALA C 221 35.28 -34.70 -20.33
N GLU C 222 34.29 -34.23 -19.58
CA GLU C 222 33.44 -33.13 -20.00
C GLU C 222 33.90 -31.80 -19.43
N ASP C 223 35.06 -31.77 -18.78
CA ASP C 223 35.65 -30.53 -18.28
C ASP C 223 36.57 -29.88 -19.31
N VAL C 224 37.26 -30.69 -20.12
CA VAL C 224 38.17 -30.16 -21.12
C VAL C 224 37.50 -29.06 -21.92
N GLY C 225 38.27 -28.05 -22.28
CA GLY C 225 37.75 -26.90 -22.98
C GLY C 225 38.58 -25.68 -22.64
N VAL C 226 38.10 -24.53 -23.10
CA VAL C 226 38.74 -23.25 -22.85
C VAL C 226 37.92 -22.52 -21.79
N TYR C 227 38.58 -22.16 -20.69
CA TYR C 227 37.95 -21.43 -19.59
C TYR C 227 38.23 -19.95 -19.74
N TYR C 228 37.18 -19.14 -19.63
CA TYR C 228 37.26 -17.69 -19.76
C TYR C 228 36.78 -17.02 -18.49
N CYS C 229 37.38 -15.87 -18.17
CA CYS C 229 36.96 -15.04 -17.06
C CYS C 229 36.54 -13.68 -17.59
N MET C 230 35.47 -13.13 -17.02
CA MET C 230 34.89 -11.88 -17.48
C MET C 230 34.56 -11.02 -16.27
N GLN C 231 34.62 -9.70 -16.46
CA GLN C 231 34.28 -8.74 -15.42
C GLN C 231 32.97 -8.06 -15.77
N HIS C 232 32.30 -7.54 -14.73
CA HIS C 232 31.03 -6.84 -14.92
C HIS C 232 30.92 -5.58 -14.07
N LEU C 233 32.05 -5.02 -13.64
CA LEU C 233 32.02 -3.77 -12.88
C LEU C 233 31.53 -2.61 -13.75
N GLU C 234 32.06 -2.51 -14.96
CA GLU C 234 31.63 -1.52 -15.94
C GLU C 234 31.10 -2.24 -17.17
N TYR C 235 30.10 -1.64 -17.82
CA TYR C 235 29.41 -2.32 -18.91
C TYR C 235 30.31 -2.64 -20.10
N PRO C 236 31.43 -1.95 -20.36
CA PRO C 236 32.34 -2.47 -21.38
C PRO C 236 32.97 -3.79 -20.95
N LEU C 237 32.11 -4.83 -20.94
CA LEU C 237 32.41 -6.17 -20.38
C LEU C 237 33.55 -6.80 -21.13
N THR C 238 34.58 -7.24 -20.44
CA THR C 238 35.80 -7.74 -21.04
C THR C 238 36.02 -9.16 -20.63
N PHE C 239 36.65 -9.94 -21.50
CA PHE C 239 36.91 -11.37 -21.26
C PHE C 239 38.40 -11.59 -21.28
N GLY C 240 38.87 -12.83 -21.18
CA GLY C 240 40.30 -13.16 -21.18
C GLY C 240 40.67 -14.05 -22.35
N ALA C 241 41.95 -14.13 -22.72
CA ALA C 241 42.39 -15.04 -23.76
C ALA C 241 41.82 -16.43 -23.56
N GLY C 242 41.67 -16.85 -22.31
CA GLY C 242 41.12 -18.15 -21.99
C GLY C 242 42.17 -19.24 -21.93
N THR C 243 42.13 -20.05 -20.88
CA THR C 243 43.11 -21.12 -20.69
C THR C 243 42.50 -22.44 -21.15
N LYS C 244 43.25 -23.17 -21.97
CA LYS C 244 42.77 -24.43 -22.52
C LYS C 244 43.27 -25.59 -21.64
N LEU C 245 42.33 -26.44 -21.22
CA LEU C 245 42.66 -27.62 -20.42
C LEU C 245 42.69 -28.84 -21.33
N GLU C 246 43.81 -29.55 -21.30
CA GLU C 246 44.02 -30.70 -22.17
C GLU C 246 43.88 -31.99 -21.36
N LEU C 247 43.44 -33.05 -22.05
CA LEU C 247 43.27 -34.36 -21.42
C LEU C 247 44.54 -35.18 -21.53
N THR D 5 -22.71 -42.80 21.02
CA THR D 5 -23.05 -41.76 20.00
C THR D 5 -21.86 -40.83 19.77
N ALA D 6 -22.08 -39.77 18.99
CA ALA D 6 -21.00 -38.85 18.65
C ALA D 6 -20.67 -37.90 19.80
N SER D 7 -21.69 -37.47 20.55
CA SER D 7 -21.45 -36.56 21.66
C SER D 7 -20.50 -37.17 22.69
N ILE D 8 -20.79 -38.41 23.10
CA ILE D 8 -19.93 -39.07 24.07
C ILE D 8 -18.54 -39.29 23.50
N ALA D 9 -18.44 -39.52 22.18
CA ALA D 9 -17.13 -39.72 21.58
C ALA D 9 -16.31 -38.43 21.64
N GLN D 10 -16.91 -37.30 21.32
CA GLN D 10 -16.18 -36.04 21.44
C GLN D 10 -15.81 -35.76 22.89
N ALA D 11 -16.70 -36.11 23.82
CA ALA D 11 -16.39 -35.90 25.23
C ALA D 11 -15.19 -36.74 25.66
N ARG D 12 -15.14 -38.00 25.23
CA ARG D 12 -14.03 -38.89 25.54
C ARG D 12 -12.75 -38.49 24.84
N LYS D 13 -12.84 -37.78 23.71
CA LYS D 13 -11.66 -37.14 23.14
C LYS D 13 -11.17 -35.99 24.01
N LEU D 14 -12.07 -35.13 24.47
CA LEU D 14 -11.68 -34.02 25.32
C LEU D 14 -11.02 -34.50 26.61
N VAL D 15 -11.60 -35.53 27.24
CA VAL D 15 -11.04 -36.04 28.48
C VAL D 15 -9.63 -36.58 28.25
N GLU D 16 -9.44 -37.35 27.18
CA GLU D 16 -8.13 -37.93 26.93
C GLU D 16 -7.10 -36.86 26.60
N GLN D 17 -7.50 -35.80 25.90
CA GLN D 17 -6.54 -34.72 25.63
C GLN D 17 -6.19 -33.98 26.92
N LEU D 18 -7.16 -33.74 27.80
CA LEU D 18 -6.82 -33.16 29.09
C LEU D 18 -5.88 -34.06 29.87
N LYS D 19 -6.10 -35.37 29.80
CA LYS D 19 -5.22 -36.33 30.47
C LYS D 19 -3.79 -36.24 29.93
N MET D 20 -3.65 -36.17 28.60
CA MET D 20 -2.32 -35.97 28.02
C MET D 20 -1.73 -34.62 28.42
N GLU D 21 -2.58 -33.62 28.67
CA GLU D 21 -2.10 -32.32 29.13
C GLU D 21 -1.63 -32.37 30.57
N ALA D 22 -2.16 -33.30 31.38
CA ALA D 22 -1.84 -33.33 32.80
C ALA D 22 -0.65 -34.20 33.15
N ASN D 23 -0.27 -35.15 32.29
CA ASN D 23 0.91 -35.99 32.54
C ASN D 23 2.09 -35.40 31.77
N ILE D 24 2.66 -34.33 32.33
CA ILE D 24 3.83 -33.69 31.77
C ILE D 24 4.63 -33.07 32.92
N ASP D 25 5.95 -33.19 32.83
CA ASP D 25 6.81 -32.60 33.86
C ASP D 25 6.68 -31.09 33.85
N ARG D 26 6.64 -30.50 35.05
CA ARG D 26 6.53 -29.06 35.22
C ARG D 26 7.68 -28.57 36.09
N ILE D 27 8.42 -27.59 35.59
CA ILE D 27 9.50 -26.99 36.35
C ILE D 27 8.95 -25.82 37.16
N LYS D 28 9.72 -25.40 38.16
CA LYS D 28 9.33 -24.25 38.96
C LYS D 28 9.39 -22.97 38.13
N VAL D 29 8.48 -22.04 38.43
CA VAL D 29 8.47 -20.76 37.72
C VAL D 29 9.76 -20.01 37.95
N SER D 30 10.37 -20.15 39.14
CA SER D 30 11.64 -19.48 39.41
C SER D 30 12.71 -19.97 38.45
N LYS D 31 12.78 -21.28 38.21
CA LYS D 31 13.77 -21.81 37.28
C LYS D 31 13.53 -21.29 35.86
N ALA D 32 12.27 -21.23 35.43
CA ALA D 32 11.96 -20.70 34.11
C ALA D 32 12.41 -19.25 33.98
N ALA D 33 12.10 -18.44 35.00
CA ALA D 33 12.51 -17.04 34.98
C ALA D 33 14.02 -16.91 34.95
N ALA D 34 14.73 -17.73 35.74
CA ALA D 34 16.18 -17.68 35.76
C ALA D 34 16.76 -18.05 34.39
N ASP D 35 16.20 -19.09 33.76
CA ASP D 35 16.67 -19.48 32.43
C ASP D 35 16.44 -18.37 31.42
N LEU D 36 15.26 -17.74 31.45
CA LEU D 36 14.98 -16.66 30.52
C LEU D 36 15.94 -15.49 30.73
N MET D 37 16.15 -15.10 31.99
CA MET D 37 17.04 -14.00 32.29
C MET D 37 18.47 -14.31 31.85
N ALA D 38 18.92 -15.54 32.09
CA ALA D 38 20.28 -15.91 31.69
C ALA D 38 20.43 -15.90 30.18
N TYR D 39 19.42 -16.39 29.46
CA TYR D 39 19.47 -16.35 28.01
C TYR D 39 19.54 -14.92 27.50
N CYS D 40 18.73 -14.02 28.08
CA CYS D 40 18.75 -12.63 27.63
C CYS D 40 20.08 -11.96 27.96
N GLU D 41 20.61 -12.21 29.16
CA GLU D 41 21.89 -11.61 29.54
C GLU D 41 23.02 -12.11 28.64
N ALA D 42 23.07 -13.43 28.40
CA ALA D 42 24.15 -13.99 27.61
C ALA D 42 24.17 -13.41 26.20
N HIS D 43 22.99 -13.27 25.58
CA HIS D 43 22.87 -12.76 24.23
C HIS D 43 22.39 -11.31 24.19
N ALA D 44 22.59 -10.57 25.28
CA ALA D 44 22.22 -9.16 25.30
C ALA D 44 23.05 -8.37 24.28
N LYS D 45 24.35 -8.62 24.22
CA LYS D 45 25.21 -7.92 23.27
C LYS D 45 24.75 -8.13 21.83
N GLU D 46 24.18 -9.30 21.53
CA GLU D 46 23.89 -9.65 20.15
C GLU D 46 22.82 -8.73 19.55
N ASP D 47 21.79 -8.41 20.31
CA ASP D 47 20.64 -7.70 19.75
C ASP D 47 21.00 -6.25 19.43
N PRO D 48 20.92 -5.81 18.18
CA PRO D 48 21.16 -4.39 17.89
C PRO D 48 20.06 -3.47 18.40
N LEU D 49 18.82 -3.97 18.51
CA LEU D 49 17.72 -3.11 18.94
C LEU D 49 17.92 -2.68 20.39
N LEU D 50 18.17 -3.64 21.29
CA LEU D 50 18.44 -3.28 22.68
C LEU D 50 19.77 -2.56 22.80
N THR D 51 20.78 -3.00 22.05
CA THR D 51 22.11 -2.41 22.08
C THR D 51 22.37 -1.73 20.74
N PRO D 52 22.21 -0.41 20.63
CA PRO D 52 22.49 0.25 19.35
C PRO D 52 23.92 -0.03 18.89
N VAL D 53 24.06 -0.33 17.61
CA VAL D 53 25.36 -0.68 17.03
C VAL D 53 25.88 0.52 16.25
N PRO D 54 27.18 0.60 15.97
CA PRO D 54 27.69 1.73 15.18
C PRO D 54 27.04 1.80 13.82
N ALA D 55 27.14 2.98 13.20
CA ALA D 55 26.47 3.21 11.92
C ALA D 55 27.02 2.29 10.84
N SER D 56 28.33 2.09 10.80
CA SER D 56 28.93 1.26 9.75
C SER D 56 28.32 -0.13 9.75
N GLU D 57 28.19 -0.74 10.92
CA GLU D 57 27.70 -2.12 10.98
C GLU D 57 26.28 -2.24 10.46
N ASN D 58 25.40 -1.31 10.83
CA ASN D 58 24.01 -1.41 10.40
C ASN D 58 23.91 -1.15 8.90
N PRO D 59 23.16 -1.97 8.16
CA PRO D 59 23.08 -1.77 6.71
C PRO D 59 22.30 -0.54 6.32
N PHE D 60 21.14 -0.30 6.93
CA PHE D 60 20.31 0.83 6.57
C PHE D 60 20.90 2.12 7.15
N ARG D 61 20.86 3.18 6.35
CA ARG D 61 21.35 4.50 6.77
C ARG D 61 22.81 4.42 7.20
N GLU D 62 23.67 4.08 6.25
CA GLU D 62 25.10 3.95 6.49
C GLU D 62 25.36 2.87 7.54
N SER E 31 -5.59 62.28 5.77
CA SER E 31 -6.05 61.81 4.44
C SER E 31 -7.32 62.55 4.01
N PRO E 32 -7.68 62.47 2.72
CA PRO E 32 -8.92 63.11 2.27
C PRO E 32 -10.16 62.38 2.79
N PHE E 33 -10.30 62.29 4.11
CA PHE E 33 -11.42 61.62 4.75
C PHE E 33 -11.74 62.37 6.04
N PRO E 34 -13.00 62.56 6.38
CA PRO E 34 -13.32 63.00 7.74
C PRO E 34 -12.89 61.96 8.75
N LEU E 35 -12.27 62.42 9.85
CA LEU E 35 -11.79 61.47 10.85
C LEU E 35 -12.94 60.68 11.45
N GLY E 36 -14.10 61.34 11.62
CA GLY E 36 -15.29 60.64 12.06
C GLY E 36 -15.70 59.50 11.15
N ALA E 37 -15.30 59.56 9.87
CA ALA E 37 -15.55 58.48 8.93
C ALA E 37 -14.34 57.60 8.68
N LEU E 38 -13.13 58.06 9.03
CA LEU E 38 -11.94 57.25 8.85
C LEU E 38 -11.76 56.27 10.02
N VAL E 39 -11.88 56.77 11.25
CA VAL E 39 -11.75 55.91 12.42
C VAL E 39 -12.70 54.71 12.34
N PRO E 40 -13.98 54.87 11.98
CA PRO E 40 -14.87 53.70 11.85
C PRO E 40 -14.35 52.64 10.88
N VAL E 41 -13.80 53.06 9.75
CA VAL E 41 -13.27 52.08 8.80
C VAL E 41 -12.09 51.36 9.42
N THR E 42 -11.27 52.07 10.20
CA THR E 42 -10.18 51.41 10.92
C THR E 42 -10.72 50.36 11.88
N ALA E 43 -11.81 50.68 12.59
CA ALA E 43 -12.40 49.72 13.52
C ALA E 43 -12.85 48.47 12.77
N VAL E 44 -13.63 48.65 11.70
CA VAL E 44 -14.16 47.50 10.97
C VAL E 44 -13.01 46.70 10.35
N CYS E 45 -12.00 47.40 9.83
CA CYS E 45 -10.87 46.71 9.21
C CYS E 45 -10.10 45.89 10.24
N LEU E 46 -9.91 46.43 11.44
CA LEU E 46 -9.22 45.66 12.48
C LEU E 46 -10.03 44.44 12.89
N CYS E 47 -11.35 44.59 13.02
CA CYS E 47 -12.18 43.44 13.36
C CYS E 47 -12.10 42.37 12.28
N LEU E 48 -12.19 42.77 11.02
CA LEU E 48 -12.07 41.82 9.92
C LEU E 48 -10.69 41.18 9.91
N PHE E 49 -9.64 41.96 10.21
CA PHE E 49 -8.31 41.41 10.32
C PHE E 49 -8.28 40.29 11.34
N VAL E 50 -8.79 40.54 12.54
CA VAL E 50 -8.74 39.55 13.61
C VAL E 50 -9.50 38.30 13.18
N VAL E 51 -10.72 38.48 12.65
CA VAL E 51 -11.54 37.34 12.30
C VAL E 51 -10.85 36.50 11.23
N GLY E 52 -10.40 37.15 10.15
CA GLY E 52 -9.78 36.41 9.06
C GLY E 52 -8.50 35.72 9.47
N VAL E 53 -7.63 36.43 10.20
CA VAL E 53 -6.37 35.82 10.59
C VAL E 53 -6.64 34.62 11.48
N SER E 54 -7.52 34.76 12.48
CA SER E 54 -7.80 33.65 13.38
C SER E 54 -8.33 32.45 12.60
N GLY E 55 -9.33 32.69 11.74
CA GLY E 55 -9.90 31.58 10.99
C GLY E 55 -8.87 30.87 10.15
N ASN E 56 -8.02 31.63 9.47
CA ASN E 56 -7.09 31.01 8.54
C ASN E 56 -5.94 30.29 9.25
N VAL E 57 -5.42 30.85 10.36
CA VAL E 57 -4.40 30.10 11.09
C VAL E 57 -5.01 28.84 11.67
N VAL E 58 -6.27 28.92 12.12
CA VAL E 58 -6.93 27.73 12.64
C VAL E 58 -7.03 26.67 11.55
N THR E 59 -7.41 27.08 10.33
CA THR E 59 -7.50 26.13 9.22
C THR E 59 -6.15 25.51 8.91
N VAL E 60 -5.11 26.34 8.83
CA VAL E 60 -3.78 25.83 8.48
C VAL E 60 -3.27 24.88 9.56
N MET E 61 -3.48 25.24 10.83
CA MET E 61 -3.06 24.38 11.92
C MET E 61 -3.82 23.06 11.92
N LEU E 62 -5.12 23.11 11.63
CA LEU E 62 -5.89 21.87 11.53
C LEU E 62 -5.37 20.98 10.41
N ILE E 63 -5.04 21.58 9.27
CA ILE E 63 -4.51 20.79 8.15
C ILE E 63 -3.17 20.17 8.53
N GLY E 64 -2.29 20.97 9.13
CA GLY E 64 -0.96 20.47 9.46
C GLY E 64 -0.96 19.42 10.55
N ARG E 65 -1.77 19.63 11.59
CA ARG E 65 -1.68 18.79 12.79
C ARG E 65 -2.14 17.36 12.50
N TYR E 66 -3.23 17.21 11.74
CA TYR E 66 -3.82 15.91 11.46
C TYR E 66 -3.59 15.53 10.00
N ARG E 67 -3.10 14.32 9.77
CA ARG E 67 -2.86 13.86 8.41
C ARG E 67 -4.15 13.51 7.69
N ASP E 68 -5.18 13.07 8.43
CA ASP E 68 -6.44 12.72 7.80
C ASP E 68 -7.08 13.89 7.06
N MET E 69 -6.73 15.12 7.43
CA MET E 69 -7.32 16.30 6.81
C MET E 69 -6.71 16.61 5.44
N ARG E 70 -5.59 15.98 5.08
CA ARG E 70 -4.92 16.27 3.82
C ARG E 70 -5.56 15.46 2.68
N THR E 71 -6.76 15.87 2.32
CA THR E 71 -7.45 15.34 1.15
C THR E 71 -7.30 16.30 -0.02
N THR E 72 -7.81 15.88 -1.18
CA THR E 72 -7.62 16.65 -2.40
C THR E 72 -8.14 18.07 -2.24
N THR E 73 -9.39 18.22 -1.79
CA THR E 73 -9.98 19.54 -1.65
C THR E 73 -9.28 20.37 -0.58
N ASN E 74 -8.91 19.74 0.54
CA ASN E 74 -8.31 20.48 1.63
C ASN E 74 -6.92 20.99 1.28
N LEU E 75 -6.24 20.38 0.30
CA LEU E 75 -4.97 20.92 -0.14
C LEU E 75 -5.14 22.29 -0.79
N TYR E 76 -6.11 22.40 -1.72
CA TYR E 76 -6.42 23.70 -2.29
C TYR E 76 -6.88 24.67 -1.21
N LEU E 77 -7.67 24.18 -0.26
CA LEU E 77 -8.16 25.04 0.82
C LEU E 77 -7.01 25.62 1.63
N GLY E 78 -6.03 24.78 2.00
CA GLY E 78 -4.89 25.26 2.76
C GLY E 78 -4.00 26.18 1.94
N SER E 79 -3.82 25.86 0.66
CA SER E 79 -3.06 26.76 -0.21
C SER E 79 -3.67 28.15 -0.23
N MET E 80 -4.99 28.24 -0.40
CA MET E 80 -5.62 29.54 -0.42
C MET E 80 -5.77 30.15 0.96
N ALA E 81 -5.65 29.36 2.03
CA ALA E 81 -5.49 29.94 3.36
C ALA E 81 -4.14 30.64 3.51
N VAL E 82 -3.07 30.02 3.01
CA VAL E 82 -1.79 30.71 2.95
C VAL E 82 -1.91 32.00 2.15
N SER E 83 -2.54 31.91 0.97
CA SER E 83 -2.74 33.10 0.15
C SER E 83 -3.52 34.18 0.90
N ASP E 84 -4.66 33.80 1.48
CA ASP E 84 -5.45 34.75 2.25
C ASP E 84 -4.61 35.42 3.31
N LEU E 85 -3.93 34.63 4.15
CA LEU E 85 -3.16 35.20 5.25
C LEU E 85 -2.08 36.15 4.73
N LEU E 86 -1.40 35.79 3.65
CA LEU E 86 -0.45 36.71 3.06
C LEU E 86 -1.13 38.01 2.67
N ILE E 87 -2.40 37.94 2.28
CA ILE E 87 -3.13 39.17 1.94
C ILE E 87 -3.49 39.96 3.21
N LEU E 88 -4.15 39.32 4.17
CA LEU E 88 -4.57 40.02 5.38
C LEU E 88 -3.38 40.61 6.11
N LEU E 89 -2.19 40.03 5.94
CA LEU E 89 -0.99 40.66 6.47
C LEU E 89 -0.68 41.98 5.78
N GLY E 90 -1.29 42.24 4.62
CA GLY E 90 -1.15 43.54 3.97
C GLY E 90 -2.08 44.60 4.51
N LEU E 91 -3.06 44.21 5.32
CA LEU E 91 -4.01 45.18 5.86
C LEU E 91 -3.32 46.28 6.67
N PRO E 92 -2.42 45.99 7.61
CA PRO E 92 -1.85 47.07 8.42
C PRO E 92 -1.24 48.18 7.59
N PHE E 93 -0.65 47.84 6.46
CA PHE E 93 -0.05 48.85 5.60
C PHE E 93 -1.12 49.67 4.90
N ASP E 94 -2.24 49.03 4.54
CA ASP E 94 -3.38 49.76 3.99
C ASP E 94 -3.94 50.73 5.01
N LEU E 95 -4.07 50.31 6.27
CA LEU E 95 -4.55 51.21 7.32
C LEU E 95 -3.56 52.36 7.52
N TYR E 96 -2.27 52.07 7.47
CA TYR E 96 -1.26 53.11 7.58
C TYR E 96 -1.44 54.15 6.48
N ARG E 97 -1.64 53.69 5.25
CA ARG E 97 -1.76 54.61 4.10
C ARG E 97 -3.07 55.37 4.25
N LEU E 98 -4.11 54.75 4.83
CA LEU E 98 -5.35 55.46 5.10
C LEU E 98 -5.14 56.59 6.10
N TRP E 99 -4.42 56.31 7.18
CA TRP E 99 -4.15 57.32 8.19
C TRP E 99 -3.09 58.32 7.71
N ARG E 100 -2.03 57.82 7.09
CA ARG E 100 -0.92 58.65 6.63
C ARG E 100 -1.16 59.02 5.17
N SER E 101 -1.48 60.29 4.93
CA SER E 101 -1.83 60.71 3.58
C SER E 101 -0.69 60.49 2.61
N ARG E 102 0.41 61.23 2.77
CA ARG E 102 1.60 60.95 1.98
C ARG E 102 2.92 61.14 2.73
N PRO E 103 3.05 60.70 3.99
CA PRO E 103 4.40 60.55 4.55
C PRO E 103 5.16 59.38 3.95
N TRP E 104 4.54 58.20 3.98
CA TRP E 104 5.14 56.95 3.51
C TRP E 104 6.61 56.85 3.93
N VAL E 105 6.80 56.79 5.26
CA VAL E 105 8.14 56.77 5.81
C VAL E 105 8.85 55.45 5.57
N PHE E 106 8.11 54.36 5.30
CA PHE E 106 8.73 53.07 5.10
C PHE E 106 9.55 53.07 3.81
N GLY E 107 10.23 51.95 3.56
CA GLY E 107 11.16 51.85 2.45
C GLY E 107 10.46 51.58 1.13
N PRO E 108 11.11 51.94 0.02
CA PRO E 108 10.47 51.82 -1.29
C PRO E 108 10.21 50.37 -1.71
N LEU E 109 11.25 49.54 -1.63
CA LEU E 109 11.08 48.14 -2.00
C LEU E 109 10.14 47.41 -1.05
N LEU E 110 10.00 47.87 0.19
CA LEU E 110 8.94 47.36 1.05
C LEU E 110 7.58 47.58 0.40
N CYS E 111 7.33 48.81 -0.07
CA CYS E 111 6.13 49.13 -0.84
C CYS E 111 5.95 48.16 -2.00
N ARG E 112 6.97 48.05 -2.85
CA ARG E 112 6.84 47.26 -4.06
C ARG E 112 6.53 45.81 -3.74
N LEU E 113 7.27 45.21 -2.83
CA LEU E 113 6.92 43.84 -2.50
C LEU E 113 5.51 43.87 -1.92
N SER E 114 5.08 44.94 -1.27
CA SER E 114 3.75 44.92 -0.59
C SER E 114 2.61 44.95 -1.63
N LEU E 115 2.75 45.68 -2.73
CA LEU E 115 1.69 45.80 -3.75
C LEU E 115 2.03 44.79 -4.83
N TYR E 116 2.68 43.70 -4.47
CA TYR E 116 3.03 42.63 -5.44
C TYR E 116 2.68 41.30 -4.83
N VAL E 117 3.08 41.06 -3.60
CA VAL E 117 2.64 39.84 -2.93
C VAL E 117 1.13 39.87 -2.72
N GLY E 118 0.58 41.04 -2.41
CA GLY E 118 -0.86 41.13 -2.27
C GLY E 118 -1.59 40.75 -3.54
N GLU E 119 -1.12 41.31 -4.65
CA GLU E 119 -1.80 41.09 -5.95
C GLU E 119 -1.58 39.65 -6.40
N GLY E 120 -0.42 39.06 -6.17
CA GLY E 120 -0.17 37.67 -6.51
C GLY E 120 -1.02 36.73 -5.70
N CYS E 121 -1.16 37.00 -4.39
CA CYS E 121 -2.01 36.17 -3.56
C CYS E 121 -3.47 36.28 -3.96
N THR E 122 -3.92 37.48 -4.35
CA THR E 122 -5.29 37.64 -4.81
C THR E 122 -5.54 36.78 -6.05
N TYR E 123 -4.63 36.85 -7.03
CA TYR E 123 -4.79 36.05 -8.25
C TYR E 123 -4.73 34.56 -7.93
N ALA E 124 -3.84 34.16 -7.02
CA ALA E 124 -3.78 32.76 -6.61
C ALA E 124 -5.09 32.32 -5.98
N THR E 125 -5.68 33.16 -5.14
CA THR E 125 -6.95 32.81 -4.51
C THR E 125 -8.05 32.63 -5.54
N LEU E 126 -8.13 33.55 -6.51
CA LEU E 126 -9.15 33.42 -7.54
C LEU E 126 -8.94 32.15 -8.37
N LEU E 127 -7.68 31.87 -8.75
CA LEU E 127 -7.41 30.67 -9.54
C LEU E 127 -7.72 29.41 -8.75
N HIS E 128 -7.43 29.41 -7.44
CA HIS E 128 -7.74 28.25 -6.62
C HIS E 128 -9.24 28.06 -6.47
N MET E 129 -10.00 29.15 -6.39
CA MET E 129 -11.46 29.03 -6.37
C MET E 129 -11.97 28.42 -7.68
N THR E 130 -11.41 28.87 -8.81
CA THR E 130 -11.79 28.26 -10.09
C THR E 130 -11.45 26.78 -10.12
N ALA E 131 -10.26 26.42 -9.61
CA ALA E 131 -9.88 25.02 -9.54
C ALA E 131 -10.84 24.22 -8.67
N LEU E 132 -11.26 24.79 -7.53
CA LEU E 132 -12.21 24.12 -6.66
C LEU E 132 -13.54 23.89 -7.38
N SER E 133 -14.02 24.90 -8.09
CA SER E 133 -15.28 24.74 -8.82
C SER E 133 -15.16 23.65 -9.88
N VAL E 134 -14.06 23.64 -10.62
CA VAL E 134 -13.85 22.60 -11.62
C VAL E 134 -13.80 21.22 -10.96
N GLU E 135 -13.08 21.12 -9.84
CA GLU E 135 -12.97 19.84 -9.15
C GLU E 135 -14.34 19.34 -8.68
N ARG E 136 -15.15 20.24 -8.11
CA ARG E 136 -16.47 19.84 -7.64
C ARG E 136 -17.36 19.42 -8.81
N TYR E 137 -17.30 20.16 -9.93
CA TYR E 137 -18.10 19.79 -11.09
C TYR E 137 -17.70 18.42 -11.61
N LEU E 138 -16.39 18.14 -11.66
CA LEU E 138 -15.93 16.84 -12.11
C LEU E 138 -16.35 15.73 -11.15
N ALA E 139 -16.27 16.01 -9.84
CA ALA E 139 -16.61 15.00 -8.85
C ALA E 139 -18.09 14.64 -8.88
N ILE E 140 -18.95 15.66 -8.98
CA ILE E 140 -20.38 15.46 -8.76
C ILE E 140 -21.13 15.22 -10.07
N CYS E 141 -20.79 15.96 -11.12
CA CYS E 141 -21.58 15.92 -12.34
C CYS E 141 -21.17 14.76 -13.25
N ARG E 142 -19.87 14.45 -13.32
CA ARG E 142 -19.40 13.45 -14.25
C ARG E 142 -19.96 12.07 -13.90
N PRO E 143 -20.19 11.22 -14.90
CA PRO E 143 -20.67 9.87 -14.63
C PRO E 143 -19.57 8.97 -14.06
N LEU E 144 -20.00 7.87 -13.44
CA LEU E 144 -19.05 6.91 -12.91
C LEU E 144 -18.20 6.30 -14.01
N ARG E 145 -18.70 6.28 -15.25
CA ARG E 145 -17.91 5.74 -16.35
C ARG E 145 -16.66 6.57 -16.59
N ALA E 146 -16.77 7.89 -16.51
CA ALA E 146 -15.70 8.81 -16.87
C ALA E 146 -15.14 9.56 -15.66
N ARG E 147 -15.39 9.08 -14.45
CA ARG E 147 -14.91 9.79 -13.27
C ARG E 147 -13.38 9.85 -13.27
N VAL E 148 -12.85 10.98 -12.82
CA VAL E 148 -11.41 11.22 -12.87
C VAL E 148 -10.72 10.40 -11.78
N LEU E 149 -9.57 9.82 -12.14
CA LEU E 149 -8.70 9.15 -11.16
C LEU E 149 -7.81 10.22 -10.55
N VAL E 150 -8.29 10.84 -9.48
CA VAL E 150 -7.56 11.94 -8.86
C VAL E 150 -6.30 11.41 -8.20
N THR E 151 -5.17 12.02 -8.52
CA THR E 151 -3.89 11.68 -7.92
C THR E 151 -3.36 12.88 -7.15
N ARG E 152 -2.70 12.60 -6.03
CA ARG E 152 -2.05 13.66 -5.29
C ARG E 152 -1.00 14.38 -6.12
N ARG E 153 -0.49 13.74 -7.18
CA ARG E 153 0.46 14.40 -8.07
C ARG E 153 -0.19 15.56 -8.81
N ARG E 154 -1.36 15.34 -9.43
CA ARG E 154 -1.98 16.43 -10.17
C ARG E 154 -2.43 17.56 -9.25
N VAL E 155 -2.86 17.25 -8.03
CA VAL E 155 -3.22 18.29 -7.07
C VAL E 155 -1.99 19.11 -6.67
N ARG E 156 -0.91 18.43 -6.27
CA ARG E 156 0.33 19.08 -5.89
C ARG E 156 1.05 19.70 -7.08
N ALA E 157 0.58 19.43 -8.30
CA ALA E 157 1.08 20.03 -9.53
C ALA E 157 0.33 21.30 -9.87
N LEU E 158 -1.00 21.22 -9.93
CA LEU E 158 -1.81 22.39 -10.23
C LEU E 158 -1.71 23.44 -9.11
N ILE E 159 -1.53 23.03 -7.86
CA ILE E 159 -1.38 24.02 -6.81
C ILE E 159 -0.12 24.85 -7.01
N ALA E 160 0.95 24.24 -7.53
CA ALA E 160 2.21 24.93 -7.75
C ALA E 160 2.33 25.53 -9.14
N VAL E 161 1.38 25.25 -10.04
CA VAL E 161 1.35 25.88 -11.35
C VAL E 161 0.46 27.12 -11.29
N LEU E 162 -0.66 27.00 -10.57
CA LEU E 162 -1.59 28.10 -10.41
C LEU E 162 -1.00 29.24 -9.59
N TRP E 163 -0.20 28.91 -8.57
CA TRP E 163 0.49 29.92 -7.78
C TRP E 163 1.60 30.59 -8.56
N ALA E 164 1.96 30.06 -9.73
CA ALA E 164 2.92 30.69 -10.63
C ALA E 164 2.24 31.58 -11.65
N VAL E 165 1.11 31.13 -12.20
CA VAL E 165 0.35 31.98 -13.13
C VAL E 165 -0.13 33.23 -12.40
N ALA E 166 -0.07 33.21 -11.07
CA ALA E 166 -0.43 34.36 -10.25
C ALA E 166 0.76 35.26 -9.91
N LEU E 167 1.89 34.68 -9.52
CA LEU E 167 3.07 35.47 -9.21
C LEU E 167 3.76 36.01 -10.45
N LEU E 168 3.42 35.47 -11.63
CA LEU E 168 3.91 36.00 -12.90
C LEU E 168 2.95 36.98 -13.53
N SER E 169 1.64 36.82 -13.29
CA SER E 169 0.65 37.76 -13.77
C SER E 169 0.52 38.98 -12.88
N ALA E 170 1.08 38.95 -11.68
CA ALA E 170 1.23 40.13 -10.85
C ALA E 170 2.59 40.79 -11.02
N GLY E 171 3.49 40.19 -11.83
CA GLY E 171 4.79 40.74 -12.08
C GLY E 171 4.82 42.15 -12.63
N PRO E 172 3.88 42.54 -13.50
CA PRO E 172 3.90 43.93 -13.98
C PRO E 172 3.89 44.97 -12.87
N PHE E 173 3.11 44.75 -11.81
CA PHE E 173 3.08 45.71 -10.71
C PHE E 173 4.44 45.86 -10.06
N LEU E 174 5.29 44.83 -10.15
CA LEU E 174 6.56 44.86 -9.44
C LEU E 174 7.40 46.06 -9.83
N PHE E 175 7.42 46.40 -11.12
CA PHE E 175 8.19 47.55 -11.59
C PHE E 175 7.32 48.74 -11.99
N LEU E 176 6.21 48.51 -12.68
CA LEU E 176 5.34 49.61 -13.10
C LEU E 176 5.25 50.65 -12.00
N VAL E 177 4.83 50.23 -10.81
CA VAL E 177 4.48 51.13 -9.73
C VAL E 177 5.30 50.75 -8.50
N GLY E 178 5.04 51.40 -7.38
CA GLY E 178 5.90 51.30 -6.22
C GLY E 178 6.94 52.39 -6.13
N VAL E 179 6.81 53.44 -6.94
CA VAL E 179 7.79 54.51 -7.03
C VAL E 179 7.29 55.70 -6.26
N GLU E 180 8.13 56.23 -5.37
CA GLU E 180 7.84 57.48 -4.67
C GLU E 180 8.04 58.62 -5.67
N GLN E 181 6.97 58.90 -6.42
CA GLN E 181 7.03 59.84 -7.53
C GLN E 181 7.87 61.07 -7.21
N ASP E 182 7.63 61.68 -6.05
CA ASP E 182 8.40 62.83 -5.62
C ASP E 182 9.23 62.49 -4.40
N PRO E 183 10.51 62.91 -4.34
CA PRO E 183 11.34 62.66 -3.16
C PRO E 183 11.35 63.83 -2.18
N GLU E 226 16.16 69.70 2.61
CA GLU E 226 14.82 70.28 2.68
C GLU E 226 13.92 69.48 3.60
N ALA E 227 13.54 70.08 4.73
CA ALA E 227 12.59 69.44 5.63
C ALA E 227 11.25 69.24 4.94
N ALA E 228 10.82 70.22 4.14
CA ALA E 228 9.56 70.10 3.41
C ALA E 228 9.55 68.87 2.52
N ALA E 229 10.69 68.55 1.90
CA ALA E 229 10.79 67.38 1.04
C ALA E 229 10.89 66.08 1.83
N LEU E 230 11.06 66.14 3.15
CA LEU E 230 11.05 64.91 3.94
C LEU E 230 9.72 64.19 3.81
N PHE E 231 8.62 64.96 3.75
CA PHE E 231 7.33 64.35 3.46
C PHE E 231 7.39 63.55 2.17
N SER E 232 8.16 64.02 1.20
CA SER E 232 8.30 63.35 -0.09
C SER E 232 6.91 63.05 -0.65
N ARG E 233 6.72 61.87 -1.24
CA ARG E 233 5.40 61.44 -1.76
C ARG E 233 5.30 59.94 -1.56
N GLU E 234 4.22 59.30 -2.00
CA GLU E 234 3.98 57.87 -1.70
C GLU E 234 4.02 57.06 -2.98
N CYS E 235 3.77 55.77 -2.90
CA CYS E 235 3.86 54.90 -4.08
C CYS E 235 2.70 55.20 -5.01
N ARG E 236 2.94 55.18 -6.30
CA ARG E 236 1.91 55.46 -7.30
C ARG E 236 2.60 55.40 -8.64
N PRO E 237 1.95 55.00 -9.72
CA PRO E 237 2.68 54.90 -10.97
C PRO E 237 3.00 56.27 -11.62
N SER E 238 4.27 56.72 -11.66
CA SER E 238 4.64 57.97 -12.38
C SER E 238 3.97 57.93 -13.75
N PRO E 239 3.61 59.07 -14.37
CA PRO E 239 2.82 59.06 -15.59
C PRO E 239 3.30 58.17 -16.71
N ALA E 240 4.60 57.89 -16.77
CA ALA E 240 5.15 57.13 -17.90
C ALA E 240 4.63 55.70 -17.86
N GLN E 241 4.90 55.00 -16.77
CA GLN E 241 4.50 53.59 -16.67
C GLN E 241 3.00 53.50 -16.84
N LEU E 242 2.24 54.46 -16.31
CA LEU E 242 0.77 54.40 -16.30
C LEU E 242 0.24 53.98 -17.67
N GLY E 243 0.99 54.23 -18.72
CA GLY E 243 0.59 53.83 -20.08
C GLY E 243 0.37 52.33 -20.13
N ALA E 244 1.28 51.55 -19.56
CA ALA E 244 1.22 50.08 -19.56
C ALA E 244 0.51 49.56 -18.31
N LEU E 245 0.40 50.36 -17.25
CA LEU E 245 -0.36 49.94 -16.09
C LEU E 245 -1.82 49.74 -16.46
N ARG E 246 -2.45 50.76 -17.05
CA ARG E 246 -3.80 50.61 -17.58
C ARG E 246 -3.87 49.36 -18.45
N VAL E 247 -2.91 49.19 -19.35
CA VAL E 247 -2.91 48.04 -20.25
C VAL E 247 -2.98 46.75 -19.45
N MET E 248 -2.28 46.70 -18.30
CA MET E 248 -2.23 45.46 -17.47
C MET E 248 -3.54 45.27 -16.69
N LEU E 249 -4.04 46.29 -16.01
CA LEU E 249 -5.28 46.22 -15.18
C LEU E 249 -6.49 45.78 -16.00
N TRP E 250 -6.46 45.95 -17.32
CA TRP E 250 -7.61 45.59 -18.17
C TRP E 250 -7.49 44.11 -18.49
N VAL E 251 -6.28 43.61 -18.71
CA VAL E 251 -6.06 42.17 -18.82
C VAL E 251 -6.57 41.46 -17.57
N THR E 252 -6.35 42.07 -16.40
CA THR E 252 -6.79 41.45 -15.16
C THR E 252 -8.29 41.30 -15.10
N THR E 253 -9.04 42.02 -15.94
CA THR E 253 -10.49 41.80 -15.99
C THR E 253 -10.80 40.34 -16.26
N ALA E 254 -9.93 39.64 -17.00
CA ALA E 254 -10.11 38.21 -17.22
C ALA E 254 -10.34 37.47 -15.92
N TYR E 255 -9.51 37.77 -14.91
CA TYR E 255 -9.58 37.07 -13.64
C TYR E 255 -10.92 37.22 -12.96
N PHE E 256 -11.75 38.18 -13.38
CA PHE E 256 -13.11 38.28 -12.85
C PHE E 256 -14.08 37.39 -13.61
N PHE E 257 -13.99 37.35 -14.94
CA PHE E 257 -15.00 36.67 -15.75
C PHE E 257 -14.71 35.19 -15.95
N LEU E 258 -13.48 34.75 -15.70
CA LEU E 258 -13.16 33.33 -15.85
C LEU E 258 -13.70 32.57 -14.65
N PRO E 259 -13.35 32.96 -13.42
CA PRO E 259 -14.05 32.35 -12.27
C PRO E 259 -15.55 32.56 -12.29
N PHE E 260 -15.99 33.80 -12.54
CA PHE E 260 -17.42 34.11 -12.47
C PHE E 260 -18.23 33.22 -13.39
N LEU E 261 -17.78 33.06 -14.64
CA LEU E 261 -18.47 32.17 -15.56
C LEU E 261 -18.44 30.74 -15.04
N CYS E 262 -17.30 30.29 -14.53
CA CYS E 262 -17.21 28.95 -13.98
C CYS E 262 -18.13 28.78 -12.79
N LEU E 263 -17.88 29.55 -11.72
CA LEU E 263 -18.64 29.40 -10.48
C LEU E 263 -20.14 29.53 -10.74
N SER E 264 -20.53 30.47 -11.60
CA SER E 264 -21.96 30.65 -11.89
C SER E 264 -22.53 29.42 -12.60
N ILE E 265 -21.79 28.85 -13.54
CA ILE E 265 -22.30 27.76 -14.36
C ILE E 265 -22.06 26.43 -13.66
N LEU E 266 -20.79 26.10 -13.40
CA LEU E 266 -20.44 24.79 -12.88
C LEU E 266 -21.25 24.46 -11.64
N TYR E 267 -21.11 25.27 -10.59
CA TYR E 267 -21.90 25.04 -9.38
C TYR E 267 -23.38 24.99 -9.72
N GLY E 268 -23.85 25.91 -10.56
CA GLY E 268 -25.24 25.87 -10.97
C GLY E 268 -25.61 24.53 -11.57
N LEU E 269 -24.77 24.02 -12.47
CA LEU E 269 -24.98 22.67 -12.99
C LEU E 269 -25.03 21.67 -11.84
N ILE E 270 -24.04 21.75 -10.94
CA ILE E 270 -24.06 20.91 -9.74
C ILE E 270 -25.37 21.13 -9.00
N GLY E 271 -25.80 22.39 -8.88
CA GLY E 271 -27.06 22.67 -8.22
C GLY E 271 -28.20 21.88 -8.81
N ARG E 272 -28.23 21.77 -10.15
CA ARG E 272 -29.28 20.96 -10.78
C ARG E 272 -29.15 19.50 -10.36
N GLU E 273 -27.93 18.97 -10.40
CA GLU E 273 -27.76 17.56 -10.10
C GLU E 273 -28.25 17.24 -8.70
N LEU E 274 -27.88 18.07 -7.73
CA LEU E 274 -28.31 17.84 -6.36
C LEU E 274 -29.75 18.26 -6.14
N TRP E 275 -30.33 19.05 -7.05
CA TRP E 275 -31.71 19.48 -6.92
C TRP E 275 -32.67 18.63 -7.75
N SER E 276 -32.15 17.68 -8.53
CA SER E 276 -33.00 16.82 -9.34
C SER E 276 -33.96 16.02 -8.45
N ARG E 291 -32.22 15.17 2.15
CA ARG E 291 -31.66 15.61 3.42
C ARG E 291 -30.21 16.06 3.24
N GLY E 292 -30.00 17.38 3.32
CA GLY E 292 -28.69 17.97 3.14
C GLY E 292 -28.42 18.46 1.74
N HIS E 293 -29.12 17.93 0.73
CA HIS E 293 -28.94 18.41 -0.64
C HIS E 293 -29.39 19.85 -0.78
N ARG E 294 -30.54 20.20 -0.21
CA ARG E 294 -31.02 21.57 -0.25
C ARG E 294 -30.06 22.49 0.50
N GLN E 295 -29.53 22.03 1.64
CA GLN E 295 -28.55 22.83 2.37
C GLN E 295 -27.28 23.03 1.54
N THR E 296 -26.84 21.99 0.83
CA THR E 296 -25.67 22.12 -0.01
C THR E 296 -25.91 23.12 -1.14
N VAL E 297 -27.11 23.09 -1.74
CA VAL E 297 -27.43 24.05 -2.79
C VAL E 297 -27.47 25.46 -2.24
N ARG E 298 -28.02 25.62 -1.02
CA ARG E 298 -28.02 26.92 -0.38
C ARG E 298 -26.59 27.42 -0.15
N VAL E 299 -25.71 26.53 0.30
CA VAL E 299 -24.32 26.92 0.53
C VAL E 299 -23.66 27.34 -0.78
N LEU E 300 -23.90 26.58 -1.85
CA LEU E 300 -23.32 26.94 -3.14
C LEU E 300 -23.83 28.31 -3.60
N LEU E 301 -25.13 28.55 -3.47
CA LEU E 301 -25.71 29.83 -3.86
C LEU E 301 -25.10 30.97 -3.06
N VAL E 302 -24.98 30.78 -1.74
CA VAL E 302 -24.38 31.80 -0.89
C VAL E 302 -22.95 32.06 -1.33
N VAL E 303 -22.21 31.00 -1.66
CA VAL E 303 -20.81 31.16 -2.05
C VAL E 303 -20.72 31.98 -3.34
N VAL E 304 -21.54 31.66 -4.34
CA VAL E 304 -21.44 32.38 -5.60
C VAL E 304 -21.87 33.84 -5.41
N LEU E 305 -22.91 34.08 -4.62
CA LEU E 305 -23.35 35.45 -4.39
C LEU E 305 -22.29 36.25 -3.65
N ALA E 306 -21.65 35.64 -2.65
CA ALA E 306 -20.55 36.31 -1.95
C ALA E 306 -19.41 36.62 -2.91
N PHE E 307 -19.07 35.64 -3.76
CA PHE E 307 -18.03 35.86 -4.76
C PHE E 307 -18.35 37.08 -5.61
N ILE E 308 -19.60 37.17 -6.08
CA ILE E 308 -20.01 38.31 -6.90
C ILE E 308 -19.83 39.60 -6.12
N ILE E 309 -20.53 39.74 -5.00
CA ILE E 309 -20.53 41.03 -4.29
C ILE E 309 -19.16 41.37 -3.72
N CYS E 310 -18.22 40.43 -3.70
CA CYS E 310 -16.89 40.70 -3.17
C CYS E 310 -15.85 40.96 -4.25
N TRP E 311 -16.01 40.42 -5.45
CA TRP E 311 -15.02 40.61 -6.49
C TRP E 311 -15.46 41.59 -7.58
N LEU E 312 -16.75 41.71 -7.85
CA LEU E 312 -17.19 42.75 -8.78
C LEU E 312 -16.80 44.14 -8.32
N PRO E 313 -17.09 44.52 -7.06
CA PRO E 313 -16.61 45.79 -6.57
C PRO E 313 -15.14 46.05 -6.83
N PHE E 314 -14.26 45.12 -6.54
CA PHE E 314 -12.80 45.27 -6.75
C PHE E 314 -12.53 45.65 -8.14
N HIS E 315 -13.02 44.88 -9.09
CA HIS E 315 -12.66 45.09 -10.50
C HIS E 315 -13.47 46.25 -11.07
N VAL E 316 -14.50 46.68 -10.39
CA VAL E 316 -15.30 47.83 -10.83
C VAL E 316 -14.51 49.06 -10.49
N GLY E 317 -13.97 49.14 -9.30
CA GLY E 317 -13.17 50.27 -8.82
C GLY E 317 -11.76 50.29 -9.32
N ARG E 318 -11.18 49.19 -9.73
CA ARG E 318 -9.83 49.26 -10.29
C ARG E 318 -9.98 50.00 -11.62
N ILE E 319 -11.07 49.73 -12.33
CA ILE E 319 -11.27 50.39 -13.64
C ILE E 319 -11.74 51.83 -13.37
N ILE E 320 -12.52 52.10 -12.33
CA ILE E 320 -13.01 53.49 -12.12
C ILE E 320 -11.76 54.33 -11.87
N TYR E 321 -10.73 53.72 -11.36
CA TYR E 321 -9.51 54.41 -10.94
C TYR E 321 -8.60 54.69 -12.12
N ILE E 322 -8.52 53.76 -13.08
CA ILE E 322 -7.63 53.99 -14.23
C ILE E 322 -8.20 54.97 -15.23
N ASN E 323 -9.39 55.51 -15.01
CA ASN E 323 -9.97 56.52 -15.89
C ASN E 323 -10.16 57.87 -15.20
N THR E 324 -9.74 58.00 -13.93
CA THR E 324 -10.04 59.21 -13.18
C THR E 324 -9.16 60.36 -13.67
N GLU E 325 -9.80 61.46 -14.06
CA GLU E 325 -9.11 62.68 -14.45
C GLU E 325 -9.66 63.91 -13.76
N ASP E 326 -10.75 63.79 -13.01
CA ASP E 326 -11.34 64.89 -12.26
C ASP E 326 -11.01 64.71 -10.79
N SER E 327 -10.37 65.72 -10.19
CA SER E 327 -10.00 65.63 -8.78
C SER E 327 -11.21 65.36 -7.90
N ARG E 328 -12.36 65.93 -8.25
CA ARG E 328 -13.59 65.70 -7.49
C ARG E 328 -14.07 64.25 -7.62
N MET E 329 -14.19 63.75 -8.84
CA MET E 329 -14.54 62.36 -9.04
C MET E 329 -13.38 61.43 -8.71
N MET E 330 -12.15 61.94 -8.63
CA MET E 330 -11.07 61.19 -8.01
C MET E 330 -11.25 61.04 -6.51
N TYR E 331 -11.82 62.05 -5.84
CA TYR E 331 -12.27 61.89 -4.46
C TYR E 331 -13.33 60.79 -4.36
N PHE E 332 -14.32 60.83 -5.25
CA PHE E 332 -15.30 59.75 -5.28
C PHE E 332 -14.61 58.40 -5.50
N SER E 333 -13.59 58.36 -6.34
CA SER E 333 -12.85 57.13 -6.60
C SER E 333 -12.16 56.64 -5.33
N GLN E 334 -11.56 57.54 -4.57
CA GLN E 334 -10.96 57.16 -3.29
C GLN E 334 -12.00 56.50 -2.38
N TYR E 335 -13.21 57.05 -2.38
CA TYR E 335 -14.29 56.54 -1.50
C TYR E 335 -14.71 55.20 -1.98
N PHE E 336 -14.86 55.07 -3.28
CA PHE E 336 -15.33 53.79 -3.87
C PHE E 336 -14.36 52.73 -3.54
N ASN E 337 -13.08 53.05 -3.45
CA ASN E 337 -12.09 51.98 -3.28
C ASN E 337 -11.78 51.78 -1.80
N ILE E 338 -12.27 52.61 -0.88
CA ILE E 338 -12.05 52.29 0.56
C ILE E 338 -13.14 51.27 0.84
N VAL E 339 -14.29 51.43 0.21
CA VAL E 339 -15.41 50.48 0.35
C VAL E 339 -15.00 49.15 -0.27
N ALA E 340 -14.38 49.14 -1.45
CA ALA E 340 -14.00 47.89 -2.10
C ALA E 340 -12.96 47.14 -1.30
N LEU E 341 -11.99 47.86 -0.71
CA LEU E 341 -10.94 47.18 0.05
C LEU E 341 -11.51 46.47 1.27
N GLN E 342 -12.39 47.14 2.01
CA GLN E 342 -12.96 46.45 3.17
C GLN E 342 -13.76 45.23 2.71
N LEU E 343 -14.46 45.34 1.58
CA LEU E 343 -15.18 44.17 1.07
C LEU E 343 -14.23 43.03 0.68
N PHE E 344 -13.08 43.36 0.10
CA PHE E 344 -12.14 42.33 -0.33
C PHE E 344 -11.50 41.63 0.88
N TYR E 345 -11.26 42.36 1.96
CA TYR E 345 -10.80 41.69 3.17
C TYR E 345 -11.90 40.86 3.82
N LEU E 346 -13.16 41.29 3.69
CA LEU E 346 -14.25 40.35 3.99
C LEU E 346 -14.07 39.07 3.19
N SER E 347 -13.94 39.20 1.87
CA SER E 347 -13.67 38.06 1.00
C SER E 347 -12.68 37.12 1.67
N ALA E 348 -11.53 37.67 2.06
CA ALA E 348 -10.48 36.86 2.67
C ALA E 348 -11.00 36.15 3.93
N SER E 349 -11.77 36.85 4.76
CA SER E 349 -12.14 36.27 6.07
C SER E 349 -13.29 35.28 5.94
N ILE E 350 -14.20 35.49 4.98
CA ILE E 350 -15.37 34.63 4.85
C ILE E 350 -15.07 33.42 3.98
N ASN E 351 -14.08 33.51 3.09
CA ASN E 351 -13.68 32.36 2.29
C ASN E 351 -13.40 31.13 3.14
N PRO E 352 -12.57 31.21 4.20
CA PRO E 352 -12.36 30.04 5.06
C PRO E 352 -13.65 29.52 5.66
N ILE E 353 -14.50 30.42 6.15
CA ILE E 353 -15.78 29.99 6.74
C ILE E 353 -16.60 29.25 5.70
N LEU E 354 -16.77 29.86 4.52
CA LEU E 354 -17.66 29.29 3.51
C LEU E 354 -17.16 27.95 3.02
N TYR E 355 -15.86 27.82 2.78
CA TYR E 355 -15.33 26.61 2.17
C TYR E 355 -14.95 25.53 3.18
N ASN E 356 -14.68 25.89 4.43
CA ASN E 356 -14.21 24.94 5.42
C ASN E 356 -15.21 24.67 6.54
N LEU E 357 -15.81 25.72 7.11
CA LEU E 357 -16.69 25.53 8.27
C LEU E 357 -17.94 24.73 7.93
N ILE E 358 -18.29 24.61 6.65
CA ILE E 358 -19.53 23.92 6.28
C ILE E 358 -19.32 22.41 6.23
N SER E 359 -18.09 21.95 6.04
CA SER E 359 -17.81 20.52 5.98
C SER E 359 -17.78 19.92 7.38
N LYS E 360 -18.37 18.73 7.51
CA LYS E 360 -18.37 18.06 8.81
C LYS E 360 -16.96 17.66 9.25
N LYS E 361 -16.10 17.31 8.30
CA LYS E 361 -14.73 16.92 8.65
C LYS E 361 -14.00 18.07 9.33
N TYR E 362 -14.12 19.28 8.77
CA TYR E 362 -13.42 20.42 9.37
C TYR E 362 -13.97 20.77 10.74
N ARG E 363 -15.30 20.71 10.90
CA ARG E 363 -15.88 20.98 12.21
C ARG E 363 -15.41 19.96 13.24
N ALA E 364 -15.36 18.68 12.85
CA ALA E 364 -14.88 17.65 13.77
C ALA E 364 -13.42 17.88 14.13
N ALA E 365 -12.60 18.26 13.14
CA ALA E 365 -11.20 18.55 13.41
C ALA E 365 -11.06 19.74 14.36
N ALA E 366 -11.88 20.78 14.15
CA ALA E 366 -11.83 21.94 15.04
C ALA E 366 -12.21 21.56 16.47
N PHE E 367 -13.27 20.77 16.63
CA PHE E 367 -13.68 20.35 17.96
C PHE E 367 -12.61 19.48 18.62
N LYS E 368 -11.99 18.59 17.85
CA LYS E 368 -10.92 17.77 18.39
C LYS E 368 -9.74 18.62 18.83
N LEU E 369 -9.38 19.62 18.02
CA LEU E 369 -8.29 20.52 18.40
C LEU E 369 -8.62 21.28 19.67
N LEU E 370 -9.85 21.79 19.78
CA LEU E 370 -10.26 22.48 21.00
C LEU E 370 -10.23 21.53 22.20
N LEU E 371 -10.69 20.30 22.01
CA LEU E 371 -10.68 19.31 23.07
C LEU E 371 -9.38 18.50 23.06
#